data_8B4F
#
_entry.id   8B4F
#
_cell.length_a   57.210
_cell.length_b   62.260
_cell.length_c   67.630
_cell.angle_alpha   105.440
_cell.angle_beta   93.413
_cell.angle_gamma   115.899
#
_symmetry.space_group_name_H-M   'P 1'
#
loop_
_entity.id
_entity.type
_entity.pdbx_description
1 polymer 'Cathepsin L'
2 non-polymer '~{tert}-butyl ~{N}-(2-hydroxyethyl)carbamate'
3 non-polymer 'TRIETHYLENE GLYCOL'
4 non-polymer 'DIMETHYL SULFOXIDE'
5 non-polymer 1,2-ETHANEDIOL
6 non-polymer DI(HYDROXYETHYL)ETHER
7 non-polymer 'SODIUM ION'
8 water water
#
_entity_poly.entity_id   1
_entity_poly.type   'polypeptide(L)'
_entity_poly.pdbx_seq_one_letter_code
;APRSVDWREKGYVTPVKNQGQCGSCWAFSATGALEGQMFRKTGRLISLSEQNLVDCSGPQGNEGCNGGLMDYAFQYVQDN
GGLDSEESYPYEATEESCKYNPKYSVANDAGFVDIPKQEKALMKAVATVGPISVAIDAGHESFLFYKEGIYFEPDCSSED
MDHGVLVVGYGFESTESDNNKYWLVKNSWGEEWGMGGYVKMAKDRRNHCGIASAASYPTV
;
_entity_poly.pdbx_strand_id   A,B,C,D
#
# COMPACT_ATOMS: atom_id res chain seq x y z
N ALA A 1 -15.19 -15.71 5.73
CA ALA A 1 -15.46 -14.36 5.19
C ALA A 1 -14.34 -14.00 4.22
N PRO A 2 -14.50 -12.91 3.47
CA PRO A 2 -13.40 -12.45 2.62
C PRO A 2 -12.22 -11.99 3.46
N ARG A 3 -11.03 -12.07 2.88
CA ARG A 3 -9.87 -11.51 3.57
C ARG A 3 -9.72 -10.01 3.34
N SER A 4 -10.29 -9.47 2.26
CA SER A 4 -10.29 -8.03 1.96
C SER A 4 -11.67 -7.59 1.48
N VAL A 5 -12.12 -6.42 1.98
CA VAL A 5 -13.39 -5.81 1.62
C VAL A 5 -13.19 -4.31 1.55
N ASP A 6 -13.68 -3.67 0.46
CA ASP A 6 -13.68 -2.20 0.38
C ASP A 6 -14.95 -1.71 -0.31
N TRP A 7 -15.94 -1.29 0.50
CA TRP A 7 -17.21 -0.83 -0.01
C TRP A 7 -17.09 0.44 -0.86
N ARG A 8 -15.96 1.15 -0.81
CA ARG A 8 -15.81 2.29 -1.71
C ARG A 8 -15.78 1.85 -3.17
N GLU A 9 -15.20 0.67 -3.43
CA GLU A 9 -15.13 0.15 -4.79
C GLU A 9 -16.50 -0.21 -5.34
N LYS A 10 -17.46 -0.50 -4.48
CA LYS A 10 -18.81 -0.87 -4.91
C LYS A 10 -19.76 0.31 -4.96
N GLY A 11 -19.30 1.50 -4.59
CA GLY A 11 -20.08 2.72 -4.74
C GLY A 11 -20.92 3.12 -3.54
N TYR A 12 -20.67 2.54 -2.37
CA TYR A 12 -21.47 2.76 -1.18
C TYR A 12 -21.10 4.01 -0.39
N VAL A 13 -20.04 4.74 -0.77
CA VAL A 13 -19.42 5.68 0.15
C VAL A 13 -19.25 7.05 -0.49
N THR A 14 -19.76 8.09 0.18
CA THR A 14 -19.61 9.47 -0.22
C THR A 14 -18.18 9.95 0.07
N PRO A 15 -17.77 11.09 -0.48
CA PRO A 15 -16.44 11.65 -0.14
C PRO A 15 -16.35 12.01 1.34
N VAL A 16 -15.11 12.20 1.79
CA VAL A 16 -14.86 12.54 3.19
C VAL A 16 -15.39 13.93 3.48
N LYS A 17 -16.05 14.08 4.63
CA LYS A 17 -16.60 15.34 5.07
C LYS A 17 -15.80 15.84 6.28
N ASN A 18 -16.14 17.05 6.75
CA ASN A 18 -15.43 17.68 7.87
C ASN A 18 -16.43 18.24 8.86
N GLN A 19 -16.48 17.64 10.05
CA GLN A 19 -17.40 18.07 11.11
C GLN A 19 -16.99 19.41 11.72
N GLY A 20 -15.80 19.92 11.42
CA GLY A 20 -15.31 21.13 12.06
C GLY A 20 -15.15 20.96 13.55
N GLN A 21 -15.42 22.05 14.30
CA GLN A 21 -15.19 22.10 15.75
C GLN A 21 -16.49 21.88 16.53
N CYS A 22 -17.23 20.85 16.17
CA CYS A 22 -18.50 20.46 16.76
C CYS A 22 -18.40 18.97 17.02
N GLY A 23 -18.87 18.53 18.17
CA GLY A 23 -18.84 17.13 18.56
C GLY A 23 -19.93 16.31 17.91
N SER A 24 -20.01 16.38 16.59
CA SER A 24 -21.09 15.73 15.84
C SER A 24 -20.60 14.47 15.13
N CYS A 25 -19.43 13.94 15.52
CA CYS A 25 -18.90 12.75 14.86
C CYS A 25 -19.96 11.70 14.65
N TRP A 26 -20.86 11.52 15.65
CA TRP A 26 -21.91 10.52 15.59
C TRP A 26 -22.89 10.74 14.43
N ALA A 27 -23.12 12.01 14.06
CA ALA A 27 -23.99 12.31 12.93
C ALA A 27 -23.32 11.97 11.59
N PHE A 28 -22.00 12.17 11.46
CA PHE A 28 -21.30 11.78 10.24
C PHE A 28 -21.23 10.26 10.11
N SER A 29 -20.99 9.55 11.22
CA SER A 29 -20.98 8.10 11.18
C SER A 29 -22.34 7.57 10.75
N ALA A 30 -23.41 8.14 11.31
CA ALA A 30 -24.75 7.65 11.00
C ALA A 30 -25.11 7.94 9.55
N THR A 31 -24.83 9.17 9.06
CA THR A 31 -25.15 9.43 7.66
C THR A 31 -24.33 8.51 6.75
N GLY A 32 -23.10 8.21 7.14
CA GLY A 32 -22.28 7.33 6.32
C GLY A 32 -22.87 5.95 6.20
N ALA A 33 -23.28 5.37 7.33
CA ALA A 33 -23.93 4.06 7.33
C ALA A 33 -25.26 4.09 6.55
N LEU A 34 -26.06 5.15 6.74
CA LEU A 34 -27.36 5.18 6.01
C LEU A 34 -27.16 5.46 4.52
N GLU A 35 -26.14 6.24 4.18
CA GLU A 35 -25.77 6.45 2.78
C GLU A 35 -25.45 5.13 2.09
N GLY A 36 -24.77 4.23 2.81
CA GLY A 36 -24.46 2.93 2.25
C GLY A 36 -25.68 2.06 2.09
N GLN A 37 -26.50 1.95 3.14
CA GLN A 37 -27.70 1.11 3.05
C GLN A 37 -28.71 1.67 2.06
N MET A 38 -28.82 3.00 1.93
CA MET A 38 -29.72 3.54 0.91
C MET A 38 -29.19 3.25 -0.49
N PHE A 39 -27.87 3.29 -0.68
CA PHE A 39 -27.35 2.95 -1.99
C PHE A 39 -27.56 1.48 -2.28
N ARG A 40 -27.34 0.64 -1.29
CA ARG A 40 -27.62 -0.78 -1.45
C ARG A 40 -29.05 -1.02 -1.87
N LYS A 41 -30.00 -0.35 -1.21
CA LYS A 41 -31.40 -0.41 -1.63
C LYS A 41 -31.52 0.14 -3.05
N THR A 42 -31.37 1.44 -3.23
CA THR A 42 -31.85 2.12 -4.42
C THR A 42 -30.84 2.23 -5.54
N GLY A 43 -29.56 1.98 -5.32
CA GLY A 43 -28.60 2.21 -6.38
C GLY A 43 -28.19 3.66 -6.57
N ARG A 44 -28.71 4.57 -5.75
CA ARG A 44 -28.36 5.98 -5.80
C ARG A 44 -27.55 6.35 -4.56
N LEU A 45 -26.42 7.00 -4.75
CA LEU A 45 -25.60 7.51 -3.66
C LEU A 45 -25.93 8.97 -3.47
N ILE A 46 -26.61 9.31 -2.37
CA ILE A 46 -26.99 10.68 -2.07
C ILE A 46 -26.44 11.06 -0.71
N SER A 47 -25.67 12.14 -0.65
CA SER A 47 -25.13 12.65 0.60
C SER A 47 -26.25 13.24 1.45
N LEU A 48 -26.26 12.86 2.72
CA LEU A 48 -27.31 13.13 3.68
C LEU A 48 -26.86 14.16 4.71
N SER A 49 -27.83 14.80 5.33
CA SER A 49 -27.60 15.98 6.17
C SER A 49 -27.27 15.61 7.60
N GLU A 50 -26.01 15.82 8.01
CA GLU A 50 -25.66 15.75 9.42
C GLU A 50 -26.35 16.85 10.23
N GLN A 51 -26.43 18.06 9.68
CA GLN A 51 -27.05 19.16 10.41
C GLN A 51 -28.48 18.79 10.80
N ASN A 52 -29.15 18.05 9.92
CA ASN A 52 -30.50 17.56 10.21
C ASN A 52 -30.50 16.74 11.49
N LEU A 53 -29.50 15.88 11.67
CA LEU A 53 -29.47 15.06 12.87
C LEU A 53 -29.07 15.90 14.10
N VAL A 54 -28.09 16.78 13.92
CA VAL A 54 -27.60 17.63 15.02
C VAL A 54 -28.75 18.48 15.57
N ASP A 55 -29.54 19.08 14.68
CA ASP A 55 -30.61 19.97 15.10
C ASP A 55 -31.84 19.25 15.62
N CYS A 56 -32.12 18.02 15.15
CA CYS A 56 -33.49 17.49 15.28
C CYS A 56 -33.61 16.21 16.10
N SER A 57 -32.52 15.50 16.38
CA SER A 57 -32.59 14.17 16.97
C SER A 57 -32.34 14.18 18.46
N GLY A 58 -32.48 15.33 19.13
CA GLY A 58 -32.43 15.37 20.56
C GLY A 58 -33.47 14.52 21.25
N PRO A 59 -34.72 14.47 20.77
CA PRO A 59 -35.70 13.61 21.44
C PRO A 59 -35.31 12.15 21.47
N GLN A 60 -34.45 11.71 20.57
CA GLN A 60 -34.00 10.33 20.58
C GLN A 60 -32.81 10.10 21.50
N GLY A 61 -32.30 11.15 22.10
CA GLY A 61 -31.20 11.05 23.04
C GLY A 61 -29.93 11.75 22.62
N ASN A 62 -29.88 12.35 21.42
CA ASN A 62 -28.65 13.03 21.00
C ASN A 62 -28.55 14.45 21.56
N GLU A 63 -27.33 15.00 21.53
CA GLU A 63 -27.02 16.27 22.18
C GLU A 63 -26.19 17.15 21.28
N GLY A 64 -26.49 17.11 19.98
CA GLY A 64 -25.94 18.09 19.06
C GLY A 64 -24.43 18.03 18.98
N CYS A 65 -23.78 19.17 19.20
CA CYS A 65 -22.33 19.28 19.17
C CYS A 65 -21.67 18.77 20.44
N ASN A 66 -22.43 18.28 21.40
CA ASN A 66 -21.88 17.74 22.63
C ASN A 66 -21.97 16.21 22.67
N GLY A 67 -22.19 15.58 21.53
CA GLY A 67 -22.15 14.15 21.44
C GLY A 67 -23.52 13.57 21.13
N GLY A 68 -23.50 12.28 20.80
CA GLY A 68 -24.70 11.55 20.42
C GLY A 68 -24.31 10.14 20.07
N LEU A 69 -25.30 9.36 19.60
CA LEU A 69 -25.06 7.97 19.24
C LEU A 69 -25.67 7.68 17.88
N MET A 70 -24.95 6.89 17.08
CA MET A 70 -25.49 6.55 15.77
C MET A 70 -26.86 5.88 15.89
N ASP A 71 -27.05 5.01 16.88
CA ASP A 71 -28.32 4.32 16.97
C ASP A 71 -29.47 5.27 17.29
N TYR A 72 -29.17 6.33 18.05
CA TYR A 72 -30.17 7.36 18.29
C TYR A 72 -30.53 8.06 16.98
N ALA A 73 -29.52 8.26 16.12
CA ALA A 73 -29.76 8.88 14.82
C ALA A 73 -30.58 7.97 13.89
N PHE A 74 -30.33 6.66 13.91
CA PHE A 74 -31.14 5.78 13.07
C PHE A 74 -32.59 5.76 13.56
N GLN A 75 -32.78 5.79 14.89
CA GLN A 75 -34.13 5.83 15.45
C GLN A 75 -34.84 7.11 15.07
N TYR A 76 -34.12 8.23 15.06
CA TYR A 76 -34.74 9.48 14.64
C TYR A 76 -35.26 9.40 13.23
N VAL A 77 -34.45 8.88 12.32
CA VAL A 77 -34.87 8.78 10.92
C VAL A 77 -36.15 7.95 10.81
N GLN A 78 -36.22 6.86 11.57
CA GLN A 78 -37.41 6.01 11.58
C GLN A 78 -38.58 6.75 12.20
N ASP A 79 -38.40 7.29 13.42
CA ASP A 79 -39.45 8.06 14.07
C ASP A 79 -39.93 9.19 13.17
N ASN A 80 -38.98 9.91 12.56
CA ASN A 80 -39.26 11.13 11.83
C ASN A 80 -39.86 10.88 10.47
N GLY A 81 -39.68 9.67 9.95
CA GLY A 81 -40.14 9.37 8.61
C GLY A 81 -39.31 9.94 7.49
N GLY A 82 -38.05 10.32 7.75
CA GLY A 82 -37.25 10.92 6.69
C GLY A 82 -35.98 11.56 7.20
N LEU A 83 -35.09 11.88 6.24
CA LEU A 83 -33.86 12.63 6.49
C LEU A 83 -33.53 13.43 5.24
N ASP A 84 -33.25 14.72 5.42
CA ASP A 84 -33.03 15.58 4.26
C ASP A 84 -31.62 15.36 3.68
N SER A 85 -31.46 15.77 2.42
CA SER A 85 -30.18 15.63 1.74
C SER A 85 -29.20 16.66 2.27
N GLU A 86 -27.90 16.40 2.06
CA GLU A 86 -26.86 17.35 2.45
C GLU A 86 -26.99 18.66 1.69
N GLU A 87 -27.36 18.59 0.40
CA GLU A 87 -27.46 19.83 -0.36
C GLU A 87 -28.61 20.69 0.15
N SER A 88 -29.72 20.06 0.53
CA SER A 88 -30.90 20.79 0.96
C SER A 88 -30.79 21.34 2.37
N TYR A 89 -29.96 20.75 3.22
CA TYR A 89 -29.87 21.10 4.63
C TYR A 89 -28.39 21.06 5.00
N PRO A 90 -27.65 22.08 4.61
CA PRO A 90 -26.18 22.00 4.69
C PRO A 90 -25.66 22.05 6.13
N TYR A 91 -24.38 21.72 6.26
CA TYR A 91 -23.75 21.55 7.56
C TYR A 91 -23.13 22.86 8.03
N GLU A 92 -23.50 23.29 9.23
CA GLU A 92 -23.01 24.55 9.79
C GLU A 92 -22.10 24.40 11.01
N ALA A 93 -21.91 23.17 11.51
CA ALA A 93 -21.02 22.91 12.64
C ALA A 93 -21.44 23.62 13.91
N THR A 94 -22.74 23.89 14.05
CA THR A 94 -23.27 24.43 15.29
C THR A 94 -24.72 24.01 15.41
N GLU A 95 -25.17 23.82 16.65
CA GLU A 95 -26.52 23.36 16.90
C GLU A 95 -27.50 24.53 16.75
N GLU A 96 -28.59 24.28 16.01
CA GLU A 96 -29.62 25.27 15.76
C GLU A 96 -30.99 24.57 15.84
N SER A 97 -32.06 25.30 15.60
CA SER A 97 -33.38 24.70 15.71
C SER A 97 -33.62 23.78 14.52
N CYS A 98 -34.48 22.78 14.72
CA CYS A 98 -34.78 21.81 13.67
C CYS A 98 -35.50 22.47 12.50
N LYS A 99 -34.93 22.31 11.29
CA LYS A 99 -35.53 22.85 10.07
C LYS A 99 -35.85 21.74 9.08
N TYR A 100 -36.04 20.51 9.55
CA TYR A 100 -36.34 19.40 8.66
C TYR A 100 -37.56 19.73 7.81
N ASN A 101 -37.52 19.31 6.56
CA ASN A 101 -38.61 19.52 5.61
C ASN A 101 -38.81 18.23 4.82
N PRO A 102 -39.94 17.55 4.96
CA PRO A 102 -40.07 16.22 4.36
C PRO A 102 -39.99 16.24 2.86
N LYS A 103 -40.24 17.40 2.23
CA LYS A 103 -40.20 17.43 0.78
C LYS A 103 -38.81 17.07 0.27
N TYR A 104 -37.78 17.46 1.03
CA TYR A 104 -36.38 17.21 0.69
C TYR A 104 -35.79 15.99 1.37
N SER A 105 -36.63 15.13 1.96
CA SER A 105 -36.17 13.84 2.49
C SER A 105 -35.76 12.93 1.34
N VAL A 106 -34.59 12.26 1.48
CA VAL A 106 -34.12 11.32 0.45
C VAL A 106 -33.73 9.98 1.06
N ALA A 107 -33.99 9.81 2.35
CA ALA A 107 -33.66 8.55 3.00
C ALA A 107 -34.66 8.22 4.08
N ASN A 108 -34.68 6.94 4.47
CA ASN A 108 -35.56 6.40 5.48
C ASN A 108 -34.88 5.17 6.05
N ASP A 109 -35.28 4.77 7.25
CA ASP A 109 -34.91 3.44 7.72
C ASP A 109 -36.00 2.91 8.65
N ALA A 110 -35.90 1.61 8.95
CA ALA A 110 -36.89 0.92 9.77
C ALA A 110 -36.30 0.41 11.08
N GLY A 111 -35.30 1.11 11.61
CA GLY A 111 -34.59 0.64 12.78
C GLY A 111 -33.11 0.43 12.48
N PHE A 112 -32.51 -0.50 13.19
CA PHE A 112 -31.07 -0.67 13.15
C PHE A 112 -30.76 -1.99 13.86
N VAL A 113 -29.51 -2.40 13.75
CA VAL A 113 -29.04 -3.68 14.27
C VAL A 113 -27.73 -3.44 14.98
N ASP A 114 -27.64 -3.90 16.22
CA ASP A 114 -26.42 -3.76 17.01
C ASP A 114 -25.62 -5.05 16.88
N ILE A 115 -24.32 -4.92 16.64
CA ILE A 115 -23.44 -6.04 16.37
C ILE A 115 -22.85 -6.55 17.67
N PRO A 116 -22.81 -7.87 17.87
CA PRO A 116 -22.16 -8.40 19.06
C PRO A 116 -20.76 -7.83 19.18
N LYS A 117 -20.29 -7.70 20.42
CA LYS A 117 -19.06 -6.97 20.73
C LYS A 117 -17.86 -7.89 20.56
N GLN A 118 -17.73 -8.44 19.34
CA GLN A 118 -16.55 -9.18 18.94
C GLN A 118 -16.13 -8.73 17.56
N GLU A 119 -14.81 -8.57 17.34
CA GLU A 119 -14.32 -8.19 16.03
C GLU A 119 -14.72 -9.19 14.94
N LYS A 120 -14.79 -10.47 15.27
CA LYS A 120 -15.23 -11.47 14.29
C LYS A 120 -16.67 -11.21 13.84
N ALA A 121 -17.55 -10.78 14.75
CA ALA A 121 -18.91 -10.44 14.33
C ALA A 121 -18.93 -9.16 13.51
N LEU A 122 -18.12 -8.17 13.89
CA LEU A 122 -17.98 -6.99 13.04
C LEU A 122 -17.48 -7.35 11.65
N MET A 123 -16.50 -8.25 11.54
CA MET A 123 -16.02 -8.67 10.22
C MET A 123 -17.15 -9.26 9.39
N LYS A 124 -17.96 -10.13 9.99
CA LYS A 124 -19.06 -10.74 9.26
C LYS A 124 -20.06 -9.68 8.80
N ALA A 125 -20.32 -8.67 9.63
CA ALA A 125 -21.26 -7.62 9.25
C ALA A 125 -20.67 -6.74 8.14
N VAL A 126 -19.40 -6.35 8.26
CA VAL A 126 -18.78 -5.56 7.19
C VAL A 126 -18.80 -6.34 5.87
N ALA A 127 -18.53 -7.64 5.95
CA ALA A 127 -18.44 -8.46 4.74
C ALA A 127 -19.77 -8.56 4.01
N THR A 128 -20.88 -8.48 4.74
CA THR A 128 -22.17 -8.83 4.16
C THR A 128 -23.19 -7.69 4.06
N VAL A 129 -23.03 -6.63 4.82
CA VAL A 129 -24.02 -5.56 4.88
C VAL A 129 -23.53 -4.33 4.12
N GLY A 130 -22.30 -3.90 4.38
CA GLY A 130 -21.81 -2.65 3.89
C GLY A 130 -21.13 -1.91 5.03
N PRO A 131 -20.94 -0.60 4.86
CA PRO A 131 -20.28 0.20 5.90
C PRO A 131 -21.05 0.20 7.20
N ILE A 132 -20.31 0.09 8.31
CA ILE A 132 -20.86 -0.09 9.65
C ILE A 132 -20.44 1.10 10.51
N SER A 133 -21.39 1.63 11.27
CA SER A 133 -21.09 2.67 12.26
C SER A 133 -20.41 2.08 13.48
N VAL A 134 -19.36 2.75 13.96
CA VAL A 134 -18.60 2.24 15.10
C VAL A 134 -18.13 3.43 15.95
N ALA A 135 -17.87 3.15 17.22
CA ALA A 135 -17.26 4.13 18.13
C ALA A 135 -15.86 3.65 18.50
N ILE A 136 -14.92 4.59 18.58
CA ILE A 136 -13.54 4.30 18.93
C ILE A 136 -13.02 5.32 19.95
N ASP A 137 -11.94 4.94 20.63
CA ASP A 137 -11.10 5.85 21.40
C ASP A 137 -10.12 6.52 20.45
N ALA A 138 -10.45 7.74 20.04
CA ALA A 138 -9.58 8.59 19.23
C ALA A 138 -8.90 9.68 20.07
N GLY A 139 -8.86 9.53 21.39
CA GLY A 139 -8.33 10.55 22.27
C GLY A 139 -6.84 10.48 22.56
N HIS A 140 -6.01 10.44 21.51
CA HIS A 140 -4.57 10.32 21.66
C HIS A 140 -3.91 11.11 20.55
N GLU A 141 -2.81 11.80 20.90
CA GLU A 141 -2.11 12.62 19.92
C GLU A 141 -1.74 11.83 18.68
N SER A 142 -1.40 10.55 18.85
CA SER A 142 -1.01 9.73 17.70
C SER A 142 -2.12 9.70 16.66
N PHE A 143 -3.36 9.69 17.12
CA PHE A 143 -4.49 9.66 16.19
C PHE A 143 -4.59 10.97 15.42
N LEU A 144 -4.23 12.09 16.06
CA LEU A 144 -4.29 13.38 15.36
C LEU A 144 -3.31 13.45 14.21
N PHE A 145 -2.08 12.94 14.41
CA PHE A 145 -0.98 13.07 13.49
C PHE A 145 -0.88 11.89 12.52
N TYR A 146 -1.75 10.90 12.66
CA TYR A 146 -1.76 9.76 11.76
C TYR A 146 -1.62 10.18 10.31
N LYS A 147 -0.71 9.53 9.59
CA LYS A 147 -0.49 9.77 8.17
C LYS A 147 -0.80 8.56 7.30
N GLU A 148 -0.34 7.41 7.73
CA GLU A 148 -0.48 6.16 6.96
C GLU A 148 -0.12 4.94 7.80
N GLY A 149 -0.21 3.78 7.19
CA GLY A 149 0.03 2.55 7.90
C GLY A 149 -1.12 2.10 8.78
N ILE A 150 -0.84 1.07 9.57
CA ILE A 150 -1.82 0.51 10.48
C ILE A 150 -1.67 1.23 11.80
N TYR A 151 -2.73 1.93 12.21
CA TYR A 151 -2.73 2.66 13.46
C TYR A 151 -2.79 1.71 14.66
N PHE A 152 -1.78 1.76 15.52
CA PHE A 152 -1.85 1.02 16.77
C PHE A 152 -1.34 1.87 17.90
N GLU A 153 -2.16 2.06 18.93
CA GLU A 153 -1.89 2.94 20.07
C GLU A 153 -1.98 2.15 21.35
N PRO A 154 -0.85 1.82 22.00
CA PRO A 154 -0.89 0.92 23.19
C PRO A 154 -1.72 1.44 24.35
N ASP A 155 -1.94 2.74 24.45
CA ASP A 155 -2.76 3.29 25.51
C ASP A 155 -4.21 3.47 25.08
N CYS A 156 -4.62 2.87 23.97
CA CYS A 156 -5.99 2.98 23.52
C CYS A 156 -6.89 2.10 24.38
N SER A 157 -8.05 2.65 24.77
CA SER A 157 -9.00 1.93 25.57
C SER A 157 -10.04 1.23 24.69
N SER A 158 -10.45 0.03 25.11
CA SER A 158 -11.48 -0.74 24.42
C SER A 158 -12.87 -0.48 25.00
N GLU A 159 -12.95 0.30 26.09
CA GLU A 159 -14.19 0.51 26.82
C GLU A 159 -14.65 1.96 26.78
N ASP A 160 -13.72 2.91 26.70
CA ASP A 160 -14.05 4.32 26.82
C ASP A 160 -13.82 4.96 25.45
N MET A 161 -14.87 4.95 24.65
CA MET A 161 -14.86 5.51 23.32
C MET A 161 -15.34 6.95 23.36
N ASP A 162 -14.80 7.76 22.43
CA ASP A 162 -15.14 9.19 22.42
C ASP A 162 -15.34 9.72 21.01
N HIS A 163 -15.51 8.85 20.01
CA HIS A 163 -15.51 9.33 18.63
C HIS A 163 -16.17 8.29 17.72
N GLY A 164 -17.21 8.71 17.01
CA GLY A 164 -17.88 7.86 16.05
C GLY A 164 -17.33 7.99 14.64
N VAL A 165 -17.14 6.85 13.98
CA VAL A 165 -16.54 6.80 12.65
C VAL A 165 -17.23 5.67 11.90
N LEU A 166 -16.72 5.31 10.73
CA LEU A 166 -17.42 4.40 9.84
C LEU A 166 -16.44 3.41 9.25
N VAL A 167 -16.67 2.12 9.49
CA VAL A 167 -15.87 1.05 8.90
C VAL A 167 -16.40 0.80 7.49
N VAL A 168 -15.60 1.11 6.46
CA VAL A 168 -16.00 0.87 5.09
C VAL A 168 -15.39 -0.42 4.53
N GLY A 169 -14.62 -1.15 5.33
CA GLY A 169 -13.99 -2.35 4.83
C GLY A 169 -12.86 -2.79 5.75
N TYR A 170 -12.09 -3.76 5.29
CA TYR A 170 -10.95 -4.26 6.06
C TYR A 170 -10.00 -4.96 5.11
N GLY A 171 -8.78 -5.17 5.57
CA GLY A 171 -7.82 -5.81 4.69
C GLY A 171 -6.51 -6.07 5.38
N PHE A 172 -5.43 -6.03 4.63
CA PHE A 172 -4.15 -6.39 5.22
C PHE A 172 -3.00 -5.79 4.45
N GLU A 173 -1.87 -5.67 5.13
CA GLU A 173 -0.62 -5.35 4.49
C GLU A 173 0.51 -5.80 5.38
N SER A 174 1.61 -6.22 4.74
CA SER A 174 2.74 -6.74 5.49
C SER A 174 3.35 -5.65 6.34
N THR A 175 3.69 -5.99 7.59
CA THR A 175 4.31 -5.03 8.49
C THR A 175 5.50 -5.62 9.23
N GLU A 176 6.24 -4.72 9.88
CA GLU A 176 7.39 -5.15 10.67
C GLU A 176 7.01 -6.16 11.74
N SER A 177 5.88 -5.92 12.43
CA SER A 177 5.54 -6.68 13.63
C SER A 177 4.67 -7.89 13.30
N ASP A 178 4.29 -8.04 12.04
CA ASP A 178 3.49 -9.13 11.50
C ASP A 178 2.05 -9.02 12.00
N ASN A 179 1.68 -7.89 12.60
CA ASN A 179 0.30 -7.52 12.94
C ASN A 179 -0.23 -6.81 11.71
N ASN A 180 -0.82 -7.59 10.78
CA ASN A 180 -0.97 -7.14 9.41
C ASN A 180 -2.39 -6.75 9.04
N LYS A 181 -3.36 -6.96 9.91
CA LYS A 181 -4.78 -6.83 9.60
C LYS A 181 -5.31 -5.49 10.07
N TYR A 182 -6.20 -4.87 9.27
CA TYR A 182 -6.74 -3.57 9.63
C TYR A 182 -8.21 -3.43 9.22
N TRP A 183 -8.91 -2.57 9.96
CA TRP A 183 -10.19 -2.01 9.56
C TRP A 183 -9.93 -0.75 8.74
N LEU A 184 -10.66 -0.61 7.64
CA LEU A 184 -10.58 0.57 6.79
C LEU A 184 -11.68 1.53 7.24
N VAL A 185 -11.28 2.65 7.82
CA VAL A 185 -12.17 3.52 8.58
C VAL A 185 -12.21 4.90 7.94
N LYS A 186 -13.41 5.37 7.61
CA LYS A 186 -13.64 6.75 7.17
C LYS A 186 -13.85 7.66 8.37
N ASN A 187 -13.06 8.72 8.47
CA ASN A 187 -13.21 9.73 9.50
C ASN A 187 -14.00 10.91 8.92
N SER A 188 -14.25 11.92 9.75
CA SER A 188 -14.98 13.12 9.37
C SER A 188 -14.25 14.38 9.82
N TRP A 189 -12.92 14.38 9.63
CA TRP A 189 -12.06 15.52 9.91
C TRP A 189 -11.47 16.13 8.64
N GLY A 190 -12.13 15.93 7.50
CA GLY A 190 -11.61 16.39 6.23
C GLY A 190 -10.60 15.44 5.61
N GLU A 191 -10.25 15.71 4.34
CA GLU A 191 -9.39 14.80 3.61
C GLU A 191 -7.91 15.08 3.85
N GLU A 192 -7.57 16.18 4.51
CA GLU A 192 -6.18 16.49 4.85
C GLU A 192 -5.71 15.67 6.05
N TRP A 193 -6.62 15.19 6.88
CA TRP A 193 -6.26 14.28 7.95
C TRP A 193 -6.01 12.88 7.41
N GLY A 194 -5.02 12.22 8.00
CA GLY A 194 -4.69 10.85 7.64
C GLY A 194 -4.47 10.64 6.16
N MET A 195 -4.99 9.53 5.66
CA MET A 195 -4.78 9.13 4.26
C MET A 195 -6.00 9.52 3.44
N GLY A 196 -6.01 10.76 2.97
CA GLY A 196 -7.20 11.24 2.32
C GLY A 196 -8.41 11.23 3.23
N GLY A 197 -8.22 11.31 4.55
CA GLY A 197 -9.31 11.32 5.49
C GLY A 197 -9.68 9.97 6.03
N TYR A 198 -8.95 8.93 5.64
CA TYR A 198 -9.13 7.55 6.09
C TYR A 198 -8.01 7.15 7.03
N VAL A 199 -8.27 6.12 7.81
CA VAL A 199 -7.27 5.50 8.67
C VAL A 199 -7.46 4.00 8.64
N LYS A 200 -6.34 3.30 8.69
CA LYS A 200 -6.27 1.82 8.83
C LYS A 200 -6.08 1.52 10.32
N MET A 201 -7.10 1.00 10.98
N MET A 201 -7.12 1.01 10.97
CA MET A 201 -7.03 0.72 12.40
CA MET A 201 -7.10 0.68 12.39
C MET A 201 -6.80 -0.77 12.63
C MET A 201 -6.75 -0.79 12.59
N ALA A 202 -5.89 -1.05 13.56
CA ALA A 202 -5.46 -2.41 13.87
C ALA A 202 -6.65 -3.31 14.11
N LYS A 203 -6.65 -4.44 13.42
CA LYS A 203 -7.74 -5.42 13.44
C LYS A 203 -7.26 -6.72 14.06
N ASP A 204 -8.10 -7.28 14.92
CA ASP A 204 -7.85 -8.51 15.65
C ASP A 204 -6.71 -8.37 16.66
N ARG A 205 -6.52 -7.15 17.17
CA ARG A 205 -5.60 -6.92 18.28
C ARG A 205 -6.42 -6.51 19.50
N ARG A 206 -7.21 -7.44 19.98
CA ARG A 206 -7.95 -7.30 21.24
C ARG A 206 -8.91 -6.09 21.24
N ASN A 207 -9.70 -5.96 20.23
CA ASN A 207 -10.68 -4.89 20.14
C ASN A 207 -9.98 -3.56 20.37
N HIS A 208 -8.99 -3.33 19.53
CA HIS A 208 -8.16 -2.15 19.68
C HIS A 208 -9.00 -0.88 19.53
N CYS A 209 -8.83 0.03 20.48
CA CYS A 209 -9.54 1.32 20.57
C CYS A 209 -11.06 1.13 20.60
N GLY A 210 -11.53 -0.07 20.90
CA GLY A 210 -12.96 -0.30 21.08
C GLY A 210 -13.78 -0.36 19.82
N ILE A 211 -13.17 -0.66 18.68
CA ILE A 211 -13.86 -0.55 17.39
C ILE A 211 -15.06 -1.49 17.26
N ALA A 212 -15.10 -2.58 18.02
CA ALA A 212 -16.22 -3.51 17.92
C ALA A 212 -17.19 -3.41 19.11
N SER A 213 -17.03 -2.41 19.97
CA SER A 213 -17.80 -2.35 21.21
C SER A 213 -19.13 -1.64 21.05
N ALA A 214 -19.28 -0.77 20.06
CA ALA A 214 -20.56 -0.13 19.77
C ALA A 214 -20.77 -0.01 18.26
N ALA A 215 -20.89 -1.17 17.60
CA ALA A 215 -21.04 -1.22 16.15
C ALA A 215 -22.49 -1.49 15.80
N SER A 216 -22.97 -0.82 14.73
CA SER A 216 -24.36 -0.95 14.33
C SER A 216 -24.54 -0.45 12.92
N TYR A 217 -25.69 -0.76 12.33
CA TYR A 217 -26.06 -0.20 11.04
C TYR A 217 -27.57 -0.04 10.95
N PRO A 218 -28.06 0.81 10.05
CA PRO A 218 -29.50 1.02 9.89
C PRO A 218 -30.11 -0.04 8.98
N THR A 219 -31.38 -0.34 9.22
CA THR A 219 -32.10 -1.31 8.41
C THR A 219 -32.94 -0.55 7.40
N VAL A 220 -32.70 -0.83 6.12
CA VAL A 220 -33.46 -0.17 5.07
C VAL A 220 -34.19 -1.23 4.25
N ALA B 1 9.80 -11.16 -14.96
CA ALA B 1 9.78 -12.56 -14.45
C ALA B 1 9.86 -13.53 -15.63
N PRO B 2 10.43 -14.71 -15.41
CA PRO B 2 10.46 -15.71 -16.48
C PRO B 2 9.06 -16.08 -16.94
N ARG B 3 8.99 -16.64 -18.16
CA ARG B 3 7.71 -17.05 -18.71
C ARG B 3 7.18 -18.32 -18.05
N SER B 4 8.02 -19.16 -17.45
CA SER B 4 7.52 -20.33 -16.74
C SER B 4 8.51 -20.77 -15.66
N VAL B 5 7.98 -21.27 -14.53
CA VAL B 5 8.77 -21.62 -13.34
C VAL B 5 8.24 -22.93 -12.76
N ASP B 6 9.17 -23.77 -12.28
CA ASP B 6 8.81 -25.03 -11.62
C ASP B 6 9.87 -25.29 -10.55
N TRP B 7 9.56 -24.91 -9.31
CA TRP B 7 10.54 -25.03 -8.23
C TRP B 7 10.87 -26.47 -7.90
N ARG B 8 10.07 -27.44 -8.33
CA ARG B 8 10.40 -28.83 -8.09
C ARG B 8 11.70 -29.18 -8.81
N GLU B 9 11.93 -28.61 -10.00
CA GLU B 9 13.11 -28.94 -10.78
C GLU B 9 14.36 -28.36 -10.14
N LYS B 10 14.21 -27.35 -9.27
CA LYS B 10 15.38 -26.78 -8.59
C LYS B 10 15.62 -27.39 -7.21
N GLY B 11 14.75 -28.31 -6.77
CA GLY B 11 14.96 -29.01 -5.52
C GLY B 11 14.31 -28.39 -4.30
N TYR B 12 13.31 -27.51 -4.48
CA TYR B 12 12.67 -26.82 -3.37
C TYR B 12 11.48 -27.57 -2.76
N VAL B 13 11.05 -28.70 -3.34
CA VAL B 13 9.73 -29.25 -3.04
C VAL B 13 9.80 -30.73 -2.64
N THR B 14 9.20 -31.06 -1.52
CA THR B 14 9.12 -32.43 -1.06
C THR B 14 8.01 -33.17 -1.81
N PRO B 15 7.94 -34.50 -1.66
CA PRO B 15 6.85 -35.26 -2.29
C PRO B 15 5.50 -34.83 -1.75
N VAL B 16 4.46 -35.16 -2.52
CA VAL B 16 3.10 -34.91 -2.08
C VAL B 16 2.81 -35.71 -0.82
N LYS B 17 2.10 -35.06 0.11
CA LYS B 17 1.69 -35.66 1.37
C LYS B 17 0.17 -35.74 1.40
N ASN B 18 -0.35 -36.34 2.47
CA ASN B 18 -1.79 -36.58 2.57
C ASN B 18 -2.29 -36.19 3.95
N GLN B 19 -3.11 -35.17 4.02
CA GLN B 19 -3.59 -34.74 5.33
C GLN B 19 -4.61 -35.70 5.92
N GLY B 20 -5.19 -36.58 5.10
CA GLY B 20 -6.15 -37.52 5.63
C GLY B 20 -7.46 -36.82 5.95
N GLN B 21 -8.16 -37.33 6.97
CA GLN B 21 -9.47 -36.79 7.31
C GLN B 21 -9.37 -35.74 8.43
N CYS B 22 -8.36 -34.90 8.36
CA CYS B 22 -8.07 -33.85 9.32
C CYS B 22 -8.03 -32.54 8.55
N GLY B 23 -8.69 -31.50 9.08
CA GLY B 23 -8.70 -30.20 8.46
C GLY B 23 -7.40 -29.45 8.67
N SER B 24 -6.30 -30.05 8.23
CA SER B 24 -4.96 -29.52 8.49
C SER B 24 -4.28 -29.02 7.23
N CYS B 25 -5.05 -28.72 6.17
CA CYS B 25 -4.43 -28.24 4.93
C CYS B 25 -3.47 -27.10 5.22
N TRP B 26 -3.84 -26.22 6.15
CA TRP B 26 -3.02 -25.06 6.51
C TRP B 26 -1.63 -25.44 6.99
N ALA B 27 -1.50 -26.56 7.71
CA ALA B 27 -0.20 -27.02 8.17
C ALA B 27 0.63 -27.56 7.00
N PHE B 28 -0.01 -28.24 6.02
CA PHE B 28 0.72 -28.76 4.84
C PHE B 28 1.18 -27.63 3.95
N SER B 29 0.33 -26.64 3.73
CA SER B 29 0.74 -25.46 2.97
C SER B 29 1.91 -24.77 3.64
N ALA B 30 1.84 -24.63 4.97
CA ALA B 30 2.93 -23.95 5.69
C ALA B 30 4.23 -24.73 5.64
N THR B 31 4.20 -26.04 5.95
CA THR B 31 5.45 -26.80 5.83
C THR B 31 6.01 -26.72 4.40
N GLY B 32 5.16 -26.66 3.40
CA GLY B 32 5.65 -26.59 2.04
C GLY B 32 6.42 -25.31 1.80
N ALA B 33 5.88 -24.18 2.24
CA ALA B 33 6.55 -22.91 1.99
C ALA B 33 7.83 -22.80 2.80
N LEU B 34 7.80 -23.28 4.06
CA LEU B 34 9.00 -23.30 4.89
C LEU B 34 10.06 -24.27 4.33
N GLU B 35 9.64 -25.42 3.84
CA GLU B 35 10.58 -26.33 3.21
C GLU B 35 11.29 -25.63 2.05
N GLY B 36 10.54 -24.84 1.29
CA GLY B 36 11.15 -24.11 0.18
C GLY B 36 12.16 -23.07 0.64
N GLN B 37 11.81 -22.31 1.67
CA GLN B 37 12.70 -21.23 2.08
C GLN B 37 13.91 -21.77 2.81
N MET B 38 13.72 -22.87 3.55
CA MET B 38 14.87 -23.49 4.21
C MET B 38 15.82 -24.03 3.15
N PHE B 39 15.28 -24.59 2.08
CA PHE B 39 16.15 -24.99 0.99
C PHE B 39 16.85 -23.80 0.37
N ARG B 40 16.10 -22.71 0.15
CA ARG B 40 16.70 -21.51 -0.43
C ARG B 40 17.91 -21.06 0.38
N LYS B 41 17.77 -21.06 1.70
CA LYS B 41 18.76 -20.46 2.57
C LYS B 41 19.83 -21.43 3.02
N THR B 42 19.58 -22.74 2.98
CA THR B 42 20.54 -23.71 3.48
C THR B 42 20.99 -24.75 2.45
N GLY B 43 20.31 -24.87 1.31
CA GLY B 43 20.62 -25.87 0.31
C GLY B 43 20.26 -27.29 0.68
N ARG B 44 19.49 -27.48 1.72
CA ARG B 44 19.02 -28.80 2.09
C ARG B 44 17.51 -28.80 2.13
N LEU B 45 16.94 -29.86 1.60
CA LEU B 45 15.49 -30.09 1.55
C LEU B 45 15.17 -31.09 2.63
N ILE B 46 14.53 -30.65 3.70
CA ILE B 46 14.14 -31.55 4.79
C ILE B 46 12.64 -31.42 5.00
N SER B 47 11.93 -32.54 4.91
CA SER B 47 10.49 -32.57 5.15
C SER B 47 10.19 -32.19 6.59
N LEU B 48 9.19 -31.31 6.78
CA LEU B 48 8.87 -30.73 8.08
C LEU B 48 7.55 -31.27 8.61
N SER B 49 7.35 -31.13 9.92
CA SER B 49 6.31 -31.87 10.62
C SER B 49 5.03 -31.07 10.67
N GLU B 50 4.01 -31.53 9.95
CA GLU B 50 2.69 -30.96 10.12
C GLU B 50 2.10 -31.29 11.49
N GLN B 51 2.43 -32.45 12.05
CA GLN B 51 1.88 -32.82 13.36
C GLN B 51 2.35 -31.84 14.43
N ASN B 52 3.63 -31.45 14.35
CA ASN B 52 4.16 -30.38 15.19
C ASN B 52 3.22 -29.18 15.19
N LEU B 53 2.83 -28.73 14.01
CA LEU B 53 1.97 -27.56 13.90
C LEU B 53 0.57 -27.85 14.44
N VAL B 54 0.00 -29.00 14.08
CA VAL B 54 -1.34 -29.34 14.57
C VAL B 54 -1.37 -29.32 16.09
N ASP B 55 -0.37 -29.93 16.72
CA ASP B 55 -0.44 -30.13 18.16
C ASP B 55 -0.05 -28.88 18.95
N CYS B 56 0.80 -28.02 18.37
CA CYS B 56 1.54 -27.01 19.14
C CYS B 56 1.20 -25.55 18.81
N SER B 57 0.59 -25.25 17.66
CA SER B 57 0.46 -23.85 17.26
C SER B 57 -0.92 -23.25 17.58
N GLY B 58 -1.66 -23.86 18.51
CA GLY B 58 -2.85 -23.22 19.03
C GLY B 58 -2.64 -21.84 19.61
N PRO B 59 -1.54 -21.57 20.34
CA PRO B 59 -1.33 -20.22 20.87
C PRO B 59 -1.25 -19.16 19.77
N GLN B 60 -0.91 -19.52 18.55
CA GLN B 60 -0.87 -18.57 17.44
C GLN B 60 -2.20 -18.43 16.74
N GLY B 61 -3.21 -19.16 17.18
CA GLY B 61 -4.51 -19.08 16.56
C GLY B 61 -4.96 -20.30 15.81
N ASN B 62 -4.18 -21.37 15.74
CA ASN B 62 -4.65 -22.50 14.93
C ASN B 62 -5.50 -23.46 15.77
N GLU B 63 -6.28 -24.29 15.08
CA GLU B 63 -7.27 -25.14 15.74
C GLU B 63 -7.14 -26.58 15.23
N GLY B 64 -5.90 -27.04 15.08
CA GLY B 64 -5.63 -28.41 14.72
C GLY B 64 -6.40 -28.90 13.52
N CYS B 65 -7.17 -29.96 13.71
CA CYS B 65 -7.92 -30.55 12.62
C CYS B 65 -9.17 -29.75 12.28
N ASN B 66 -9.45 -28.70 13.04
CA ASN B 66 -10.64 -27.88 12.84
C ASN B 66 -10.35 -26.62 12.04
N GLY B 67 -9.13 -26.42 11.58
CA GLY B 67 -8.77 -25.28 10.76
C GLY B 67 -7.57 -24.54 11.32
N GLY B 68 -7.05 -23.64 10.49
CA GLY B 68 -5.86 -22.87 10.85
C GLY B 68 -5.51 -21.96 9.70
N LEU B 69 -4.35 -21.29 9.83
CA LEU B 69 -3.89 -20.37 8.81
C LEU B 69 -2.39 -20.55 8.69
N MET B 70 -1.88 -20.46 7.46
CA MET B 70 -0.43 -20.61 7.26
C MET B 70 0.33 -19.52 8.01
N ASP B 71 -0.18 -18.29 8.02
CA ASP B 71 0.53 -17.22 8.72
C ASP B 71 0.69 -17.53 10.20
N TYR B 72 -0.35 -18.11 10.81
CA TYR B 72 -0.26 -18.51 12.21
C TYR B 72 0.81 -19.58 12.41
N ALA B 73 0.94 -20.50 11.47
CA ALA B 73 1.99 -21.51 11.57
C ALA B 73 3.37 -20.88 11.42
N PHE B 74 3.52 -19.94 10.48
CA PHE B 74 4.82 -19.28 10.36
C PHE B 74 5.11 -18.51 11.63
N GLN B 75 4.08 -17.96 12.30
CA GLN B 75 4.33 -17.22 13.55
C GLN B 75 4.71 -18.16 14.68
N TYR B 76 4.14 -19.37 14.72
CA TYR B 76 4.54 -20.36 15.71
C TYR B 76 6.03 -20.67 15.59
N VAL B 77 6.50 -20.91 14.38
CA VAL B 77 7.90 -21.29 14.20
C VAL B 77 8.80 -20.21 14.78
N GLN B 78 8.44 -18.95 14.55
CA GLN B 78 9.23 -17.85 15.08
C GLN B 78 9.15 -17.81 16.58
N ASP B 79 7.92 -17.89 17.14
CA ASP B 79 7.77 -17.77 18.58
C ASP B 79 8.39 -18.96 19.30
N ASN B 80 8.34 -20.14 18.68
CA ASN B 80 8.85 -21.37 19.27
C ASN B 80 10.36 -21.53 19.12
N GLY B 81 10.96 -20.81 18.19
CA GLY B 81 12.37 -20.98 17.91
C GLY B 81 12.69 -22.18 17.05
N GLY B 82 11.71 -22.87 16.50
CA GLY B 82 12.05 -23.98 15.62
C GLY B 82 10.84 -24.83 15.26
N LEU B 83 11.14 -25.90 14.50
CA LEU B 83 10.10 -26.82 14.03
C LEU B 83 10.75 -28.16 13.74
N ASP B 84 10.16 -29.23 14.26
CA ASP B 84 10.80 -30.54 14.11
C ASP B 84 10.61 -31.06 12.70
N SER B 85 11.40 -32.07 12.36
CA SER B 85 11.34 -32.72 11.06
C SER B 85 10.15 -33.66 11.00
N GLU B 86 9.68 -33.92 9.76
CA GLU B 86 8.65 -34.93 9.53
C GLU B 86 9.06 -36.27 10.10
N GLU B 87 10.29 -36.68 9.87
CA GLU B 87 10.74 -37.99 10.32
C GLU B 87 10.69 -38.09 11.85
N SER B 88 11.05 -37.00 12.54
CA SER B 88 11.13 -36.99 14.00
C SER B 88 9.78 -36.83 14.70
N TYR B 89 8.77 -36.35 14.00
CA TYR B 89 7.49 -35.99 14.61
C TYR B 89 6.41 -36.32 13.58
N PRO B 90 6.16 -37.61 13.37
CA PRO B 90 5.39 -38.05 12.20
C PRO B 90 3.92 -37.66 12.28
N TYR B 91 3.25 -37.77 11.12
CA TYR B 91 1.89 -37.25 11.00
C TYR B 91 0.86 -38.28 11.41
N GLU B 92 -0.08 -37.86 12.27
CA GLU B 92 -1.05 -38.75 12.90
C GLU B 92 -2.48 -38.50 12.43
N ALA B 93 -2.75 -37.37 11.77
CA ALA B 93 -4.05 -37.00 11.22
C ALA B 93 -5.10 -36.77 12.31
N THR B 94 -4.65 -36.45 13.53
CA THR B 94 -5.55 -36.13 14.64
C THR B 94 -4.77 -35.31 15.65
N GLU B 95 -5.44 -34.34 16.27
CA GLU B 95 -4.77 -33.44 17.20
C GLU B 95 -4.35 -34.17 18.46
N GLU B 96 -3.09 -33.97 18.87
CA GLU B 96 -2.54 -34.53 20.09
C GLU B 96 -1.90 -33.39 20.89
N SER B 97 -1.48 -33.71 22.10
CA SER B 97 -0.75 -32.74 22.91
C SER B 97 0.63 -32.51 22.30
N CYS B 98 1.17 -31.31 22.54
N CYS B 98 1.16 -31.31 22.53
CA CYS B 98 2.40 -30.92 21.88
CA CYS B 98 2.43 -30.90 21.93
C CYS B 98 3.58 -31.72 22.39
C CYS B 98 3.58 -31.76 22.40
N LYS B 99 4.36 -32.25 21.46
CA LYS B 99 5.55 -33.03 21.78
C LYS B 99 6.80 -32.48 21.08
N TYR B 100 6.82 -31.17 20.83
CA TYR B 100 7.98 -30.54 20.20
C TYR B 100 9.25 -30.77 21.01
N ASN B 101 10.34 -31.11 20.32
CA ASN B 101 11.65 -31.26 20.95
C ASN B 101 12.66 -30.41 20.19
N PRO B 102 13.23 -29.37 20.79
CA PRO B 102 14.18 -28.54 20.03
C PRO B 102 15.34 -29.34 19.47
N LYS B 103 15.66 -30.50 20.06
CA LYS B 103 16.81 -31.24 19.59
C LYS B 103 16.61 -31.73 18.16
N TYR B 104 15.36 -31.86 17.73
CA TYR B 104 15.08 -32.30 16.38
C TYR B 104 14.60 -31.17 15.48
N SER B 105 14.82 -29.91 15.89
CA SER B 105 14.40 -28.80 15.04
C SER B 105 15.28 -28.72 13.80
N VAL B 106 14.66 -28.49 12.66
CA VAL B 106 15.39 -28.37 11.40
C VAL B 106 15.01 -27.13 10.63
N ALA B 107 14.18 -26.26 11.18
CA ALA B 107 13.73 -25.08 10.46
C ALA B 107 13.49 -23.96 11.44
N ASN B 108 13.42 -22.74 10.91
CA ASN B 108 13.24 -21.53 11.69
C ASN B 108 12.78 -20.44 10.74
N ASP B 109 12.22 -19.36 11.31
CA ASP B 109 11.89 -18.20 10.52
C ASP B 109 11.85 -17.00 11.44
N ALA B 110 11.81 -15.82 10.83
CA ALA B 110 11.67 -14.57 11.57
C ALA B 110 10.47 -13.80 11.09
N GLY B 111 9.33 -14.48 11.02
CA GLY B 111 8.08 -13.88 10.63
C GLY B 111 7.61 -14.37 9.28
N PHE B 112 6.80 -13.55 8.61
CA PHE B 112 6.18 -13.93 7.34
C PHE B 112 5.88 -12.65 6.56
N VAL B 113 5.56 -12.87 5.29
CA VAL B 113 5.29 -11.82 4.32
C VAL B 113 3.95 -12.15 3.67
N ASP B 114 2.99 -11.22 3.79
CA ASP B 114 1.72 -11.29 3.05
C ASP B 114 1.86 -10.51 1.75
N ILE B 115 1.70 -11.22 0.64
CA ILE B 115 1.88 -10.65 -0.69
C ILE B 115 0.61 -9.85 -1.01
N PRO B 116 0.72 -8.71 -1.66
CA PRO B 116 -0.48 -7.94 -1.98
C PRO B 116 -1.38 -8.77 -2.86
N LYS B 117 -2.64 -8.36 -2.87
CA LYS B 117 -3.75 -9.08 -3.54
C LYS B 117 -3.74 -8.87 -5.06
N GLN B 118 -2.71 -9.27 -5.74
CA GLN B 118 -2.68 -9.16 -7.20
C GLN B 118 -1.93 -10.36 -7.75
N GLU B 119 -2.47 -10.94 -8.82
CA GLU B 119 -1.78 -12.04 -9.49
C GLU B 119 -0.41 -11.64 -10.05
N LYS B 120 -0.25 -10.38 -10.47
CA LYS B 120 1.05 -9.95 -10.95
C LYS B 120 2.06 -10.00 -9.81
N ALA B 121 1.65 -9.54 -8.61
CA ALA B 121 2.51 -9.64 -7.44
C ALA B 121 2.80 -11.10 -7.06
N LEU B 122 1.79 -11.98 -7.10
CA LEU B 122 2.04 -13.39 -6.81
C LEU B 122 3.01 -13.99 -7.81
N MET B 123 2.89 -13.61 -9.09
CA MET B 123 3.85 -14.11 -10.08
C MET B 123 5.28 -13.67 -9.76
N LYS B 124 5.49 -12.41 -9.43
CA LYS B 124 6.84 -11.95 -9.08
C LYS B 124 7.40 -12.74 -7.90
N ALA B 125 6.57 -12.99 -6.87
CA ALA B 125 7.04 -13.71 -5.69
C ALA B 125 7.39 -15.16 -6.01
N VAL B 126 6.51 -15.85 -6.74
CA VAL B 126 6.83 -17.21 -7.18
C VAL B 126 8.16 -17.22 -7.95
N ALA B 127 8.38 -16.22 -8.83
CA ALA B 127 9.59 -16.22 -9.64
C ALA B 127 10.84 -15.99 -8.81
N THR B 128 10.75 -15.18 -7.76
CA THR B 128 11.96 -14.70 -7.11
C THR B 128 12.14 -15.19 -5.68
N VAL B 129 11.10 -15.81 -5.07
CA VAL B 129 11.18 -16.29 -3.68
C VAL B 129 11.25 -17.81 -3.61
N GLY B 130 10.38 -18.50 -4.36
CA GLY B 130 10.18 -19.92 -4.20
C GLY B 130 8.70 -20.26 -4.06
N PRO B 131 8.41 -21.46 -3.57
CA PRO B 131 7.01 -21.86 -3.37
C PRO B 131 6.29 -20.96 -2.38
N ILE B 132 5.03 -20.70 -2.67
CA ILE B 132 4.24 -19.70 -1.97
C ILE B 132 2.98 -20.34 -1.41
N SER B 133 2.69 -20.11 -0.13
CA SER B 133 1.44 -20.57 0.45
C SER B 133 0.28 -19.73 -0.07
N VAL B 134 -0.81 -20.40 -0.50
CA VAL B 134 -2.02 -19.67 -0.91
C VAL B 134 -3.26 -20.35 -0.33
N ALA B 135 -4.35 -19.56 -0.25
CA ALA B 135 -5.68 -20.07 0.07
C ALA B 135 -6.53 -19.99 -1.20
N ILE B 136 -7.29 -21.05 -1.48
CA ILE B 136 -8.17 -21.06 -2.65
C ILE B 136 -9.57 -21.49 -2.24
N ASP B 137 -10.54 -21.18 -3.10
CA ASP B 137 -11.90 -21.74 -3.00
C ASP B 137 -11.86 -23.11 -3.64
N ALA B 138 -11.76 -24.15 -2.82
CA ALA B 138 -11.79 -25.51 -3.30
C ALA B 138 -13.13 -26.20 -3.01
N GLY B 139 -14.14 -25.43 -2.63
CA GLY B 139 -15.41 -26.00 -2.18
C GLY B 139 -16.40 -26.33 -3.27
N HIS B 140 -15.92 -27.08 -4.26
CA HIS B 140 -16.71 -27.51 -5.41
C HIS B 140 -16.34 -28.94 -5.74
N GLU B 141 -17.31 -29.73 -6.22
CA GLU B 141 -16.96 -31.10 -6.54
C GLU B 141 -16.02 -31.17 -7.74
N SER B 142 -16.05 -30.18 -8.63
CA SER B 142 -15.10 -30.17 -9.75
C SER B 142 -13.67 -30.20 -9.23
N PHE B 143 -13.41 -29.52 -8.11
CA PHE B 143 -12.06 -29.60 -7.53
C PHE B 143 -11.83 -30.95 -6.90
N LEU B 144 -12.84 -31.47 -6.19
CA LEU B 144 -12.71 -32.80 -5.60
C LEU B 144 -12.36 -33.85 -6.64
N PHE B 145 -12.98 -33.77 -7.83
CA PHE B 145 -12.85 -34.78 -8.89
C PHE B 145 -11.78 -34.43 -9.92
N TYR B 146 -11.00 -33.37 -9.72
CA TYR B 146 -10.00 -32.99 -10.69
C TYR B 146 -8.96 -34.11 -10.87
N LYS B 147 -8.57 -34.31 -12.08
CA LYS B 147 -7.60 -35.31 -12.48
C LYS B 147 -6.52 -34.73 -13.39
N GLU B 148 -6.88 -33.85 -14.32
CA GLU B 148 -5.90 -33.28 -15.23
C GLU B 148 -6.48 -32.03 -15.88
N GLY B 149 -5.62 -31.24 -16.51
CA GLY B 149 -6.04 -30.06 -17.25
C GLY B 149 -5.86 -28.77 -16.46
N ILE B 150 -6.20 -27.66 -17.09
CA ILE B 150 -6.17 -26.34 -16.45
C ILE B 150 -7.50 -26.12 -15.74
N TYR B 151 -7.47 -26.06 -14.40
CA TYR B 151 -8.71 -25.98 -13.62
C TYR B 151 -9.36 -24.61 -13.73
N PHE B 152 -10.65 -24.61 -14.06
CA PHE B 152 -11.45 -23.38 -14.07
C PHE B 152 -12.84 -23.78 -13.65
N GLU B 153 -13.32 -23.16 -12.57
CA GLU B 153 -14.63 -23.45 -11.99
C GLU B 153 -15.48 -22.20 -12.06
N PRO B 154 -16.49 -22.14 -12.93
CA PRO B 154 -17.26 -20.90 -13.09
C PRO B 154 -17.86 -20.34 -11.82
N ASP B 155 -18.22 -21.18 -10.86
CA ASP B 155 -18.78 -20.73 -9.59
C ASP B 155 -17.72 -20.46 -8.53
N CYS B 156 -16.45 -20.41 -8.92
CA CYS B 156 -15.39 -20.19 -7.94
C CYS B 156 -15.44 -18.76 -7.40
N SER B 157 -15.17 -18.63 -6.10
CA SER B 157 -15.11 -17.32 -5.45
C SER B 157 -13.66 -16.83 -5.39
N SER B 158 -13.48 -15.53 -5.63
CA SER B 158 -12.18 -14.90 -5.51
C SER B 158 -11.94 -14.33 -4.12
N GLU B 159 -12.96 -14.34 -3.27
CA GLU B 159 -12.91 -13.68 -1.98
C GLU B 159 -13.10 -14.63 -0.82
N ASP B 160 -13.91 -15.69 -0.96
CA ASP B 160 -14.16 -16.65 0.12
C ASP B 160 -13.43 -17.96 -0.18
N MET B 161 -12.32 -18.20 0.52
CA MET B 161 -11.45 -19.34 0.30
C MET B 161 -11.60 -20.29 1.48
N ASP B 162 -11.39 -21.58 1.22
CA ASP B 162 -11.59 -22.59 2.26
C ASP B 162 -10.55 -23.70 2.30
N HIS B 163 -9.39 -23.54 1.67
CA HIS B 163 -8.43 -24.61 1.55
C HIS B 163 -7.07 -24.01 1.32
N GLY B 164 -6.08 -24.47 2.07
CA GLY B 164 -4.72 -23.99 1.92
C GLY B 164 -3.89 -24.96 1.11
N VAL B 165 -3.17 -24.41 0.11
CA VAL B 165 -2.25 -25.17 -0.73
C VAL B 165 -0.98 -24.37 -1.01
N LEU B 166 -0.19 -24.81 -1.99
CA LEU B 166 1.16 -24.31 -2.24
C LEU B 166 1.38 -24.14 -3.72
N VAL B 167 1.77 -22.95 -4.15
CA VAL B 167 2.06 -22.67 -5.55
C VAL B 167 3.55 -22.93 -5.75
N VAL B 168 3.90 -23.91 -6.58
CA VAL B 168 5.31 -24.22 -6.77
C VAL B 168 5.84 -23.73 -8.08
N GLY B 169 4.99 -23.06 -8.87
CA GLY B 169 5.40 -22.56 -10.16
C GLY B 169 4.21 -21.99 -10.92
N TYR B 170 4.45 -21.76 -12.22
CA TYR B 170 3.45 -21.27 -13.16
C TYR B 170 3.98 -21.50 -14.56
N GLY B 171 3.05 -21.41 -15.51
CA GLY B 171 3.36 -21.73 -16.90
C GLY B 171 2.24 -21.33 -17.84
N PHE B 172 2.41 -21.75 -19.10
CA PHE B 172 1.56 -21.31 -20.18
C PHE B 172 1.24 -22.48 -21.10
N GLU B 173 0.19 -22.32 -21.90
CA GLU B 173 -0.16 -23.35 -22.86
C GLU B 173 0.62 -23.22 -24.15
N SER B 174 1.08 -22.01 -24.50
CA SER B 174 1.90 -21.79 -25.69
C SER B 174 2.78 -20.55 -25.49
N THR B 175 3.88 -20.50 -26.26
CA THR B 175 4.91 -19.49 -26.02
C THR B 175 4.40 -18.08 -26.27
N GLU B 176 3.34 -17.94 -27.07
CA GLU B 176 2.79 -16.60 -27.39
C GLU B 176 1.31 -16.53 -26.98
N SER B 177 0.76 -17.59 -26.40
CA SER B 177 -0.63 -17.60 -26.01
C SER B 177 -0.80 -17.06 -24.59
N ASP B 178 -1.61 -16.01 -24.48
CA ASP B 178 -2.08 -15.52 -23.20
C ASP B 178 -3.21 -16.35 -22.63
N ASN B 179 -3.67 -17.36 -23.38
CA ASN B 179 -4.76 -18.22 -22.96
C ASN B 179 -4.22 -19.38 -22.13
N ASN B 180 -5.03 -19.83 -21.18
CA ASN B 180 -4.69 -21.00 -20.37
C ASN B 180 -3.25 -20.89 -19.85
N LYS B 181 -2.94 -19.74 -19.28
CA LYS B 181 -1.83 -19.66 -18.32
C LYS B 181 -2.27 -20.37 -17.05
N TYR B 182 -1.31 -20.89 -16.29
CA TYR B 182 -1.73 -21.59 -15.07
C TYR B 182 -0.72 -21.43 -13.93
N TRP B 183 -1.27 -21.59 -12.73
CA TRP B 183 -0.48 -21.80 -11.52
C TRP B 183 -0.27 -23.29 -11.29
N LEU B 184 0.96 -23.68 -10.99
CA LEU B 184 1.24 -25.07 -10.67
C LEU B 184 1.12 -25.27 -9.16
N VAL B 185 0.15 -26.07 -8.73
CA VAL B 185 -0.22 -26.09 -7.33
C VAL B 185 -0.09 -27.49 -6.76
N LYS B 186 0.55 -27.58 -5.60
CA LYS B 186 0.72 -28.80 -4.84
C LYS B 186 -0.36 -28.86 -3.75
N ASN B 187 -1.13 -29.95 -3.77
CA ASN B 187 -2.18 -30.19 -2.80
C ASN B 187 -1.64 -31.16 -1.76
N SER B 188 -2.45 -31.40 -0.71
CA SER B 188 -2.11 -32.33 0.37
C SER B 188 -3.18 -33.38 0.56
N TRP B 189 -3.69 -33.90 -0.55
CA TRP B 189 -4.67 -34.98 -0.52
C TRP B 189 -4.10 -36.29 -1.09
N GLY B 190 -2.78 -36.49 -1.00
CA GLY B 190 -2.15 -37.68 -1.52
C GLY B 190 -1.91 -37.59 -3.01
N GLU B 191 -1.16 -38.57 -3.55
CA GLU B 191 -0.81 -38.52 -4.97
C GLU B 191 -1.83 -39.20 -5.88
N GLU B 192 -2.88 -39.83 -5.32
CA GLU B 192 -3.99 -40.33 -6.14
C GLU B 192 -4.88 -39.20 -6.64
N TRP B 193 -5.06 -38.15 -5.86
CA TRP B 193 -5.85 -37.02 -6.31
C TRP B 193 -5.10 -36.24 -7.39
N GLY B 194 -5.84 -35.72 -8.34
CA GLY B 194 -5.33 -34.90 -9.41
C GLY B 194 -4.22 -35.56 -10.19
N MET B 195 -3.26 -34.72 -10.60
CA MET B 195 -2.12 -35.12 -11.43
C MET B 195 -0.95 -35.39 -10.50
N GLY B 196 -0.94 -36.61 -9.95
CA GLY B 196 0.05 -36.97 -8.95
C GLY B 196 0.01 -36.09 -7.72
N GLY B 197 -1.19 -35.59 -7.36
CA GLY B 197 -1.39 -34.69 -6.23
C GLY B 197 -1.25 -33.22 -6.55
N TYR B 198 -1.00 -32.88 -7.79
CA TYR B 198 -0.92 -31.53 -8.27
C TYR B 198 -2.15 -31.15 -9.07
N VAL B 199 -2.34 -29.82 -9.20
CA VAL B 199 -3.39 -29.24 -10.01
C VAL B 199 -2.83 -27.99 -10.69
N LYS B 200 -3.22 -27.81 -11.95
CA LYS B 200 -2.94 -26.61 -12.73
C LYS B 200 -4.17 -25.69 -12.66
N MET B 201 -4.01 -24.55 -11.98
CA MET B 201 -5.10 -23.63 -11.74
C MET B 201 -5.00 -22.40 -12.63
N ALA B 202 -6.14 -22.02 -13.22
CA ALA B 202 -6.18 -20.90 -14.15
C ALA B 202 -5.53 -19.66 -13.55
N LYS B 203 -4.65 -19.03 -14.34
CA LYS B 203 -3.83 -17.90 -13.96
C LYS B 203 -4.19 -16.69 -14.82
N ASP B 204 -4.29 -15.52 -14.18
CA ASP B 204 -4.61 -14.25 -14.83
C ASP B 204 -6.00 -14.29 -15.48
N ARG B 205 -6.93 -14.95 -14.79
CA ARG B 205 -8.34 -14.92 -15.12
C ARG B 205 -9.08 -14.37 -13.91
N ARG B 206 -8.85 -13.08 -13.62
CA ARG B 206 -9.54 -12.35 -12.56
C ARG B 206 -9.38 -13.06 -11.21
N ASN B 207 -8.15 -13.45 -10.89
CA ASN B 207 -7.83 -14.04 -9.59
C ASN B 207 -8.69 -15.28 -9.31
N HIS B 208 -8.63 -16.23 -10.22
CA HIS B 208 -9.55 -17.35 -10.15
C HIS B 208 -9.38 -18.14 -8.86
N CYS B 209 -10.49 -18.36 -8.17
CA CYS B 209 -10.60 -19.09 -6.92
C CYS B 209 -9.87 -18.39 -5.78
N GLY B 210 -9.49 -17.14 -5.99
CA GLY B 210 -8.91 -16.34 -4.92
C GLY B 210 -7.45 -16.64 -4.65
N ILE B 211 -6.76 -17.28 -5.59
CA ILE B 211 -5.41 -17.77 -5.32
C ILE B 211 -4.44 -16.67 -4.88
N ALA B 212 -4.65 -15.42 -5.30
CA ALA B 212 -3.78 -14.32 -4.90
C ALA B 212 -4.37 -13.49 -3.76
N SER B 213 -5.47 -13.93 -3.17
CA SER B 213 -6.14 -13.15 -2.15
C SER B 213 -5.54 -13.33 -0.76
N ALA B 214 -4.77 -14.38 -0.51
CA ALA B 214 -4.17 -14.62 0.80
C ALA B 214 -2.89 -15.44 0.66
N ALA B 215 -1.97 -14.93 -0.16
CA ALA B 215 -0.71 -15.60 -0.42
C ALA B 215 0.36 -15.09 0.55
N SER B 216 1.22 -16.00 1.00
CA SER B 216 2.21 -15.64 2.02
C SER B 216 3.35 -16.65 2.01
N TYR B 217 4.47 -16.27 2.65
CA TYR B 217 5.60 -17.16 2.82
C TYR B 217 6.39 -16.74 4.06
N PRO B 218 7.15 -17.64 4.66
CA PRO B 218 7.92 -17.27 5.86
C PRO B 218 9.20 -16.53 5.54
N THR B 219 9.58 -15.62 6.46
CA THR B 219 10.84 -14.89 6.37
C THR B 219 11.96 -15.76 6.89
N VAL B 220 12.92 -16.08 6.03
CA VAL B 220 13.97 -16.99 6.40
C VAL B 220 15.30 -16.37 5.98
N ALA C 1 -18.07 31.75 -13.88
CA ALA C 1 -18.06 30.35 -13.37
C ALA C 1 -18.05 30.37 -11.83
N PRO C 2 -18.37 29.23 -11.20
CA PRO C 2 -18.30 29.16 -9.74
C PRO C 2 -16.88 29.43 -9.23
N ARG C 3 -16.80 29.80 -7.94
CA ARG C 3 -15.50 30.06 -7.32
C ARG C 3 -14.76 28.77 -6.99
N SER C 4 -15.50 27.66 -6.78
CA SER C 4 -14.88 26.38 -6.48
C SER C 4 -15.77 25.24 -6.95
N VAL C 5 -15.15 24.19 -7.47
CA VAL C 5 -15.85 23.03 -7.99
C VAL C 5 -15.14 21.77 -7.51
N ASP C 6 -15.93 20.74 -7.17
CA ASP C 6 -15.37 19.43 -6.79
C ASP C 6 -16.35 18.34 -7.25
N TRP C 7 -16.09 17.78 -8.44
CA TRP C 7 -17.05 16.83 -8.99
C TRP C 7 -17.17 15.58 -8.13
N ARG C 8 -16.22 15.33 -7.21
CA ARG C 8 -16.39 14.18 -6.32
C ARG C 8 -17.67 14.30 -5.50
N GLU C 9 -18.01 15.54 -5.10
CA GLU C 9 -19.23 15.76 -4.31
C GLU C 9 -20.48 15.44 -5.09
N LYS C 10 -20.45 15.66 -6.41
CA LYS C 10 -21.61 15.44 -7.29
C LYS C 10 -21.71 13.99 -7.75
N GLY C 11 -20.76 13.14 -7.39
CA GLY C 11 -20.84 11.72 -7.67
C GLY C 11 -20.12 11.25 -8.93
N TYR C 12 -19.26 12.08 -9.51
CA TYR C 12 -18.73 11.81 -10.84
C TYR C 12 -17.45 10.98 -10.84
N VAL C 13 -16.91 10.60 -9.67
CA VAL C 13 -15.52 10.12 -9.60
C VAL C 13 -15.42 8.82 -8.82
N THR C 14 -14.77 7.83 -9.43
CA THR C 14 -14.49 6.53 -8.82
C THR C 14 -13.34 6.67 -7.82
N PRO C 15 -13.06 5.64 -7.03
CA PRO C 15 -11.91 5.74 -6.13
C PRO C 15 -10.59 5.78 -6.90
N VAL C 16 -9.54 6.17 -6.16
CA VAL C 16 -8.21 6.28 -6.71
C VAL C 16 -7.71 4.90 -7.08
N LYS C 17 -7.12 4.79 -8.27
CA LYS C 17 -6.53 3.56 -8.77
C LYS C 17 -5.01 3.68 -8.81
N ASN C 18 -4.35 2.56 -9.08
CA ASN C 18 -2.90 2.48 -9.18
C ASN C 18 -2.50 1.80 -10.49
N GLN C 19 -1.80 2.54 -11.35
CA GLN C 19 -1.31 2.00 -12.61
C GLN C 19 -0.09 1.10 -12.45
N GLY C 20 0.52 1.09 -11.26
CA GLY C 20 1.65 0.23 -11.04
C GLY C 20 2.85 0.76 -11.80
N GLN C 21 3.70 -0.18 -12.23
CA GLN C 21 4.92 0.11 -12.99
C GLN C 21 4.72 0.02 -14.50
N CYS C 22 3.59 0.50 -14.99
CA CYS C 22 3.21 0.48 -16.40
C CYS C 22 2.94 1.92 -16.83
N GLY C 23 3.45 2.31 -17.99
CA GLY C 23 3.26 3.66 -18.47
C GLY C 23 1.88 3.89 -19.07
N SER C 24 0.85 3.60 -18.28
CA SER C 24 -0.54 3.63 -18.71
C SER C 24 -1.33 4.78 -18.10
N CYS C 25 -0.64 5.80 -17.59
CA CYS C 25 -1.34 6.94 -16.99
C CYS C 25 -2.44 7.46 -17.91
N TRP C 26 -2.17 7.47 -19.21
CA TRP C 26 -3.14 7.99 -20.18
C TRP C 26 -4.45 7.23 -20.12
N ALA C 27 -4.39 5.91 -19.83
CA ALA C 27 -5.58 5.08 -19.78
C ALA C 27 -6.40 5.35 -18.52
N PHE C 28 -5.73 5.68 -17.41
CA PHE C 28 -6.43 6.05 -16.18
C PHE C 28 -7.04 7.44 -16.30
N SER C 29 -6.36 8.35 -16.99
CA SER C 29 -6.93 9.65 -17.28
C SER C 29 -8.18 9.52 -18.10
N ALA C 30 -8.15 8.66 -19.14
CA ALA C 30 -9.29 8.50 -20.03
C ALA C 30 -10.43 7.79 -19.33
N THR C 31 -10.18 6.69 -18.62
CA THR C 31 -11.30 6.06 -17.92
C THR C 31 -11.92 7.05 -16.92
N GLY C 32 -11.11 7.91 -16.30
CA GLY C 32 -11.65 8.90 -15.38
C GLY C 32 -12.60 9.88 -16.05
N ALA C 33 -12.18 10.44 -17.19
CA ALA C 33 -13.02 11.41 -17.85
C ALA C 33 -14.28 10.74 -18.37
N LEU C 34 -14.17 9.51 -18.91
CA LEU C 34 -15.34 8.80 -19.38
C LEU C 34 -16.26 8.40 -18.24
N GLU C 35 -15.68 7.95 -17.11
CA GLU C 35 -16.52 7.66 -15.95
C GLU C 35 -17.37 8.89 -15.59
N GLY C 36 -16.77 10.09 -15.64
CA GLY C 36 -17.52 11.30 -15.31
C GLY C 36 -18.64 11.59 -16.30
N GLN C 37 -18.31 11.53 -17.59
CA GLN C 37 -19.32 11.79 -18.60
C GLN C 37 -20.38 10.69 -18.64
N MET C 38 -20.00 9.42 -18.40
CA MET C 38 -21.05 8.40 -18.34
C MET C 38 -21.99 8.64 -17.16
N PHE C 39 -21.44 9.06 -16.03
CA PHE C 39 -22.28 9.37 -14.88
C PHE C 39 -23.16 10.58 -15.18
N ARG C 40 -22.57 11.63 -15.75
CA ARG C 40 -23.34 12.79 -16.19
C ARG C 40 -24.53 12.37 -17.05
N LYS C 41 -24.32 11.42 -17.96
CA LYS C 41 -25.38 11.05 -18.90
C LYS C 41 -26.41 10.10 -18.29
N THR C 42 -25.95 9.09 -17.52
CA THR C 42 -26.80 8.01 -17.09
C THR C 42 -27.13 8.02 -15.60
N GLY C 43 -26.35 8.72 -14.79
CA GLY C 43 -26.54 8.67 -13.36
C GLY C 43 -25.96 7.45 -12.70
N ARG C 44 -25.25 6.59 -13.45
CA ARG C 44 -24.55 5.44 -12.91
C ARG C 44 -23.05 5.71 -12.95
N LEU C 45 -22.37 5.37 -11.86
CA LEU C 45 -20.90 5.44 -11.76
C LEU C 45 -20.34 4.02 -11.79
N ILE C 46 -19.74 3.64 -12.92
CA ILE C 46 -19.16 2.32 -13.11
C ILE C 46 -17.68 2.50 -13.45
N SER C 47 -16.83 1.85 -12.68
CA SER C 47 -15.41 1.83 -12.99
C SER C 47 -15.15 1.14 -14.32
N LEU C 48 -14.33 1.78 -15.15
CA LEU C 48 -14.05 1.35 -16.52
C LEU C 48 -12.65 0.73 -16.64
N SER C 49 -12.44 -0.02 -17.71
CA SER C 49 -11.30 -0.92 -17.75
C SER C 49 -10.11 -0.25 -18.45
N GLU C 50 -9.07 0.09 -17.69
CA GLU C 50 -7.86 0.59 -18.32
C GLU C 50 -7.18 -0.50 -19.16
N GLN C 51 -7.23 -1.76 -18.70
CA GLN C 51 -6.57 -2.84 -19.45
C GLN C 51 -7.14 -2.97 -20.85
N ASN C 52 -8.46 -2.85 -20.99
CA ASN C 52 -9.10 -2.77 -22.29
C ASN C 52 -8.42 -1.75 -23.18
N LEU C 53 -8.11 -0.58 -22.62
CA LEU C 53 -7.48 0.48 -23.38
C LEU C 53 -6.03 0.15 -23.70
N VAL C 54 -5.30 -0.40 -22.72
CA VAL C 54 -3.88 -0.74 -22.90
C VAL C 54 -3.72 -1.79 -23.98
N ASP C 55 -4.59 -2.81 -23.97
CA ASP C 55 -4.46 -3.93 -24.88
C ASP C 55 -4.96 -3.66 -26.28
N CYS C 56 -5.94 -2.76 -26.44
CA CYS C 56 -6.75 -2.71 -27.64
C CYS C 56 -6.69 -1.40 -28.45
N SER C 57 -6.17 -0.31 -27.89
CA SER C 57 -6.22 0.98 -28.59
C SER C 57 -4.94 1.29 -29.34
N GLY C 58 -4.18 0.26 -29.71
CA GLY C 58 -3.05 0.44 -30.60
C GLY C 58 -3.40 1.04 -31.96
N PRO C 59 -4.45 0.59 -32.63
CA PRO C 59 -4.76 1.20 -33.94
C PRO C 59 -5.04 2.69 -33.85
N GLN C 60 -5.46 3.20 -32.69
CA GLN C 60 -5.68 4.64 -32.53
C GLN C 60 -4.40 5.41 -32.24
N GLY C 61 -3.28 4.74 -32.02
CA GLY C 61 -2.04 5.43 -31.73
C GLY C 61 -1.45 5.23 -30.35
N ASN C 62 -2.10 4.46 -29.49
CA ASN C 62 -1.55 4.25 -28.15
C ASN C 62 -0.53 3.12 -28.16
N GLU C 63 0.31 3.10 -27.14
CA GLU C 63 1.45 2.18 -27.06
C GLU C 63 1.49 1.48 -25.71
N GLY C 64 0.33 1.16 -25.16
CA GLY C 64 0.30 0.25 -24.03
C GLY C 64 1.02 0.85 -22.83
N CYS C 65 1.94 0.08 -22.25
CA CYS C 65 2.72 0.55 -21.12
C CYS C 65 3.83 1.52 -21.55
N ASN C 66 4.00 1.77 -22.85
CA ASN C 66 5.02 2.67 -23.33
C ASN C 66 4.49 4.05 -23.68
N GLY C 67 3.28 4.39 -23.23
CA GLY C 67 2.74 5.72 -23.43
C GLY C 67 1.53 5.69 -24.34
N GLY C 68 0.82 6.81 -24.33
CA GLY C 68 -0.45 6.90 -25.03
C GLY C 68 -1.04 8.29 -24.85
N LEU C 69 -2.21 8.48 -25.44
CA LEU C 69 -2.90 9.75 -25.25
C LEU C 69 -4.37 9.54 -24.96
N MET C 70 -4.92 10.37 -24.06
CA MET C 70 -6.32 10.25 -23.72
C MET C 70 -7.22 10.37 -24.95
N ASP C 71 -6.92 11.31 -25.85
CA ASP C 71 -7.76 11.48 -27.05
C ASP C 71 -7.78 10.20 -27.90
N TYR C 72 -6.65 9.51 -28.02
CA TYR C 72 -6.62 8.27 -28.78
C TYR C 72 -7.51 7.24 -28.12
N ALA C 73 -7.54 7.25 -26.79
CA ALA C 73 -8.41 6.35 -26.05
C ALA C 73 -9.88 6.68 -26.28
N PHE C 74 -10.22 7.98 -26.28
CA PHE C 74 -11.62 8.32 -26.59
C PHE C 74 -11.95 7.92 -28.01
N GLN C 75 -10.97 8.03 -28.92
CA GLN C 75 -11.19 7.63 -30.31
C GLN C 75 -11.41 6.13 -30.43
N TYR C 76 -10.66 5.33 -29.67
CA TYR C 76 -10.90 3.90 -29.68
C TYR C 76 -12.30 3.55 -29.21
N VAL C 77 -12.71 4.12 -28.08
CA VAL C 77 -14.04 3.76 -27.57
C VAL C 77 -15.10 4.00 -28.63
N GLN C 78 -14.96 5.10 -29.37
CA GLN C 78 -15.89 5.39 -30.45
C GLN C 78 -15.73 4.34 -31.55
N ASP C 79 -14.50 4.12 -32.02
CA ASP C 79 -14.31 3.17 -33.12
C ASP C 79 -14.83 1.80 -32.77
N ASN C 80 -14.66 1.40 -31.50
CA ASN C 80 -14.93 0.05 -31.02
C ASN C 80 -16.40 -0.15 -30.68
N GLY C 81 -17.12 0.95 -30.51
CA GLY C 81 -18.50 0.88 -30.07
C GLY C 81 -18.70 0.43 -28.64
N GLY C 82 -17.69 0.55 -27.79
CA GLY C 82 -17.89 0.20 -26.40
C GLY C 82 -16.58 0.17 -25.62
N LEU C 83 -16.73 0.00 -24.31
CA LEU C 83 -15.60 -0.19 -23.41
C LEU C 83 -16.08 -1.06 -22.26
N ASP C 84 -15.30 -2.07 -21.91
CA ASP C 84 -15.67 -2.97 -20.84
C ASP C 84 -15.46 -2.34 -19.46
N SER C 85 -16.13 -2.93 -18.48
CA SER C 85 -16.05 -2.48 -17.10
C SER C 85 -14.74 -2.95 -16.47
N GLU C 86 -14.33 -2.21 -15.43
CA GLU C 86 -13.16 -2.60 -14.66
C GLU C 86 -13.32 -4.01 -14.11
N GLU C 87 -14.51 -4.33 -13.54
CA GLU C 87 -14.68 -5.65 -12.92
C GLU C 87 -14.60 -6.76 -13.96
N SER C 88 -15.12 -6.53 -15.17
CA SER C 88 -15.13 -7.58 -16.18
C SER C 88 -13.75 -7.78 -16.80
N TYR C 89 -12.89 -6.77 -16.77
CA TYR C 89 -11.64 -6.75 -17.54
C TYR C 89 -10.63 -6.03 -16.68
N PRO C 90 -10.24 -6.64 -15.56
CA PRO C 90 -9.48 -5.89 -14.53
C PRO C 90 -8.04 -5.66 -14.95
N TYR C 91 -7.35 -4.81 -14.16
CA TYR C 91 -6.08 -4.23 -14.56
C TYR C 91 -4.90 -5.17 -14.26
N GLU C 92 -4.04 -5.39 -15.27
CA GLU C 92 -2.90 -6.28 -15.13
C GLU C 92 -1.55 -5.59 -15.14
N ALA C 93 -1.47 -4.29 -15.45
CA ALA C 93 -0.20 -3.54 -15.44
C ALA C 93 0.81 -4.07 -16.45
N THR C 94 0.32 -4.68 -17.53
CA THR C 94 1.21 -5.20 -18.55
C THR C 94 0.39 -5.36 -19.82
N GLU C 95 1.01 -5.12 -20.97
CA GLU C 95 0.25 -5.10 -22.22
C GLU C 95 0.06 -6.51 -22.71
N GLU C 96 -1.18 -6.85 -23.09
CA GLU C 96 -1.51 -8.17 -23.58
C GLU C 96 -2.33 -8.03 -24.87
N SER C 97 -2.69 -9.16 -25.46
CA SER C 97 -3.63 -9.12 -26.57
C SER C 97 -4.99 -8.61 -26.10
N CYS C 98 -5.75 -8.08 -27.08
CA CYS C 98 -7.04 -7.49 -26.78
C CYS C 98 -8.09 -8.55 -26.50
N LYS C 99 -8.80 -8.38 -25.37
CA LYS C 99 -9.80 -9.33 -24.90
C LYS C 99 -11.16 -8.67 -24.76
N TYR C 100 -11.39 -7.57 -25.46
CA TYR C 100 -12.66 -6.87 -25.37
C TYR C 100 -13.82 -7.81 -25.66
N ASN C 101 -14.84 -7.75 -24.82
CA ASN C 101 -16.07 -8.50 -25.05
C ASN C 101 -17.23 -7.51 -25.10
N PRO C 102 -17.93 -7.36 -26.24
CA PRO C 102 -18.97 -6.34 -26.30
C PRO C 102 -20.09 -6.60 -25.33
N LYS C 103 -20.28 -7.84 -24.87
CA LYS C 103 -21.37 -8.10 -23.93
C LYS C 103 -21.14 -7.44 -22.57
N TYR C 104 -19.92 -6.99 -22.30
CA TYR C 104 -19.60 -6.38 -21.01
C TYR C 104 -19.30 -4.90 -21.13
N SER C 105 -19.61 -4.30 -22.29
CA SER C 105 -19.44 -2.86 -22.46
C SER C 105 -20.43 -2.11 -21.59
N VAL C 106 -19.95 -1.04 -20.96
CA VAL C 106 -20.80 -0.28 -20.07
C VAL C 106 -20.63 1.20 -20.34
N ALA C 107 -19.86 1.53 -21.38
CA ALA C 107 -19.63 2.92 -21.76
C ALA C 107 -19.51 3.02 -23.26
N ASN C 108 -19.73 4.23 -23.77
CA ASN C 108 -19.48 4.51 -25.18
C ASN C 108 -19.22 6.00 -25.27
N ASP C 109 -18.62 6.42 -26.39
CA ASP C 109 -18.54 7.84 -26.66
C ASP C 109 -18.60 8.06 -28.16
N ALA C 110 -18.78 9.33 -28.50
CA ALA C 110 -19.06 9.77 -29.87
C ALA C 110 -17.98 10.73 -30.32
N GLY C 111 -16.79 10.60 -29.75
CA GLY C 111 -15.69 11.48 -30.06
C GLY C 111 -15.20 12.16 -28.81
N PHE C 112 -14.53 13.28 -28.98
CA PHE C 112 -13.94 14.00 -27.86
C PHE C 112 -13.81 15.47 -28.22
N VAL C 113 -13.56 16.26 -27.19
CA VAL C 113 -13.43 17.70 -27.30
C VAL C 113 -12.11 18.11 -26.66
N ASP C 114 -11.27 18.79 -27.45
CA ASP C 114 -10.06 19.41 -26.96
C ASP C 114 -10.35 20.86 -26.57
N ILE C 115 -9.76 21.27 -25.45
CA ILE C 115 -9.95 22.60 -24.83
C ILE C 115 -8.81 23.48 -25.31
N PRO C 116 -9.08 24.76 -25.62
CA PRO C 116 -7.98 25.64 -26.00
C PRO C 116 -6.93 25.67 -24.89
N LYS C 117 -5.69 25.91 -25.30
CA LYS C 117 -4.56 25.90 -24.37
C LYS C 117 -4.52 27.14 -23.49
N GLN C 118 -5.52 27.32 -22.62
CA GLN C 118 -5.61 28.44 -21.70
C GLN C 118 -6.24 27.95 -20.40
N GLU C 119 -5.78 28.48 -19.25
CA GLU C 119 -6.36 28.02 -17.99
C GLU C 119 -7.77 28.56 -17.73
N LYS C 120 -8.14 29.72 -18.29
CA LYS C 120 -9.51 30.19 -18.13
C LYS C 120 -10.48 29.36 -18.94
N ALA C 121 -10.06 28.89 -20.13
CA ALA C 121 -10.86 27.92 -20.88
C ALA C 121 -10.96 26.61 -20.12
N LEU C 122 -9.85 26.13 -19.55
CA LEU C 122 -9.92 24.92 -18.76
C LEU C 122 -10.87 25.08 -17.59
N MET C 123 -10.85 26.26 -16.96
CA MET C 123 -11.77 26.51 -15.86
C MET C 123 -13.22 26.39 -16.29
N LYS C 124 -13.59 27.09 -17.37
CA LYS C 124 -14.96 27.03 -17.86
C LYS C 124 -15.36 25.59 -18.19
N ALA C 125 -14.42 24.79 -18.73
CA ALA C 125 -14.75 23.41 -19.07
C ALA C 125 -14.97 22.57 -17.83
N VAL C 126 -14.07 22.67 -16.85
CA VAL C 126 -14.30 21.97 -15.59
C VAL C 126 -15.64 22.39 -15.01
N ALA C 127 -15.92 23.69 -15.02
CA ALA C 127 -17.12 24.20 -14.38
C ALA C 127 -18.37 23.62 -15.03
N THR C 128 -18.33 23.40 -16.35
CA THR C 128 -19.57 23.09 -17.07
C THR C 128 -19.68 21.68 -17.61
N VAL C 129 -18.61 20.89 -17.59
CA VAL C 129 -18.60 19.57 -18.20
C VAL C 129 -18.50 18.47 -17.15
N GLY C 130 -17.54 18.60 -16.24
CA GLY C 130 -17.20 17.53 -15.33
C GLY C 130 -15.70 17.34 -15.32
N PRO C 131 -15.24 16.19 -14.81
CA PRO C 131 -13.78 15.97 -14.80
C PRO C 131 -13.19 15.97 -16.19
N ILE C 132 -11.96 16.49 -16.29
CA ILE C 132 -11.30 16.82 -17.55
C ILE C 132 -9.94 16.12 -17.59
N SER C 133 -9.66 15.39 -18.66
CA SER C 133 -8.33 14.80 -18.84
C SER C 133 -7.27 15.85 -19.17
N VAL C 134 -6.12 15.78 -18.50
CA VAL C 134 -5.03 16.70 -18.79
C VAL C 134 -3.69 15.97 -18.71
N ALA C 135 -2.72 16.53 -19.43
CA ALA C 135 -1.33 16.13 -19.35
C ALA C 135 -0.53 17.23 -18.63
N ILE C 136 0.42 16.79 -17.81
CA ILE C 136 1.28 17.69 -17.02
C ILE C 136 2.73 17.23 -17.13
N ASP C 137 3.63 18.14 -16.78
CA ASP C 137 5.03 17.81 -16.50
C ASP C 137 5.07 17.30 -15.06
N ALA C 138 5.17 15.98 -14.88
CA ALA C 138 5.31 15.34 -13.58
C ALA C 138 6.73 14.81 -13.36
N GLY C 139 7.68 15.27 -14.15
CA GLY C 139 8.99 14.65 -14.15
C GLY C 139 9.93 15.32 -13.17
N HIS C 140 9.47 15.50 -11.93
CA HIS C 140 10.22 16.16 -10.88
C HIS C 140 10.04 15.41 -9.57
N GLU C 141 11.15 15.21 -8.85
CA GLU C 141 11.03 14.46 -7.60
C GLU C 141 10.08 15.15 -6.64
N SER C 142 9.85 16.45 -6.83
CA SER C 142 8.88 17.13 -5.98
C SER C 142 7.48 16.61 -6.21
N PHE C 143 7.17 16.19 -7.44
CA PHE C 143 5.86 15.58 -7.66
C PHE C 143 5.83 14.17 -7.07
N LEU C 144 6.93 13.41 -7.22
CA LEU C 144 6.98 12.08 -6.63
C LEU C 144 6.73 12.12 -5.12
N PHE C 145 7.29 13.11 -4.46
CA PHE C 145 7.26 13.18 -3.00
C PHE C 145 6.09 14.00 -2.47
N TYR C 146 5.17 14.42 -3.34
CA TYR C 146 4.09 15.30 -2.91
C TYR C 146 3.17 14.58 -1.90
N LYS C 147 2.73 15.33 -0.85
CA LYS C 147 1.91 14.80 0.23
C LYS C 147 0.69 15.66 0.56
N GLU C 148 0.87 16.98 0.59
CA GLU C 148 -0.16 17.94 0.99
C GLU C 148 0.25 19.30 0.44
N GLY C 149 -0.74 20.16 0.24
CA GLY C 149 -0.52 21.55 -0.10
C GLY C 149 -0.72 21.84 -1.58
N ILE C 150 -0.54 23.11 -1.93
CA ILE C 150 -0.56 23.53 -3.33
C ILE C 150 0.80 23.23 -3.96
N TYR C 151 0.79 22.42 -5.02
CA TYR C 151 2.02 21.98 -5.65
C TYR C 151 2.54 23.07 -6.58
N PHE C 152 3.82 23.41 -6.43
CA PHE C 152 4.45 24.38 -7.33
C PHE C 152 5.91 23.98 -7.49
N GLU C 153 6.34 23.83 -8.72
CA GLU C 153 7.69 23.38 -9.04
C GLU C 153 8.36 24.43 -9.92
N PRO C 154 9.36 25.18 -9.44
CA PRO C 154 9.95 26.23 -10.28
C PRO C 154 10.50 25.70 -11.59
N ASP C 155 10.86 24.42 -11.66
CA ASP C 155 11.43 23.86 -12.88
C ASP C 155 10.38 23.22 -13.78
N CYS C 156 9.10 23.40 -13.50
CA CYS C 156 8.09 22.70 -14.28
C CYS C 156 7.98 23.28 -15.69
N SER C 157 7.75 22.40 -16.66
CA SER C 157 7.60 22.81 -18.05
C SER C 157 6.12 22.96 -18.42
N SER C 158 5.81 24.05 -19.11
CA SER C 158 4.47 24.26 -19.65
C SER C 158 4.29 23.67 -21.05
N GLU C 159 5.38 23.25 -21.70
CA GLU C 159 5.39 22.72 -23.07
C GLU C 159 5.64 21.22 -23.17
N ASP C 160 6.43 20.65 -22.25
CA ASP C 160 6.83 19.24 -22.34
C ASP C 160 6.21 18.44 -21.19
N MET C 161 5.12 17.76 -21.49
CA MET C 161 4.38 16.99 -20.50
C MET C 161 4.73 15.52 -20.61
N ASP C 162 4.58 14.80 -19.50
CA ASP C 162 4.94 13.39 -19.47
C ASP C 162 3.99 12.54 -18.63
N HIS C 163 2.84 13.07 -18.21
CA HIS C 163 1.98 12.30 -17.33
C HIS C 163 0.53 12.72 -17.53
N GLY C 164 -0.36 11.74 -17.61
CA GLY C 164 -1.77 12.02 -17.76
C GLY C 164 -2.58 11.87 -16.50
N VAL C 165 -3.33 12.91 -16.12
CA VAL C 165 -4.15 12.89 -14.91
C VAL C 165 -5.52 13.47 -15.18
N LEU C 166 -6.26 13.78 -14.10
CA LEU C 166 -7.68 14.13 -14.19
C LEU C 166 -7.99 15.29 -13.27
N VAL C 167 -8.38 16.42 -13.83
CA VAL C 167 -8.87 17.56 -13.09
C VAL C 167 -10.32 17.29 -12.71
N VAL C 168 -10.60 17.20 -11.41
CA VAL C 168 -11.96 16.97 -10.91
C VAL C 168 -12.54 18.20 -10.23
N GLY C 169 -11.81 19.30 -10.16
CA GLY C 169 -12.35 20.53 -9.61
C GLY C 169 -11.28 21.60 -9.52
N TYR C 170 -11.59 22.63 -8.75
CA TYR C 170 -10.62 23.69 -8.51
C TYR C 170 -11.11 24.52 -7.33
N GLY C 171 -10.20 25.32 -6.78
CA GLY C 171 -10.52 26.11 -5.61
C GLY C 171 -9.57 27.28 -5.42
N PHE C 172 -9.60 27.84 -4.22
CA PHE C 172 -8.89 29.08 -3.93
C PHE C 172 -8.35 29.01 -2.51
N GLU C 173 -7.47 29.96 -2.18
CA GLU C 173 -6.95 30.06 -0.81
C GLU C 173 -8.01 30.66 0.13
N SER C 174 -8.54 31.83 -0.19
CA SER C 174 -9.50 32.54 0.67
C SER C 174 -10.79 32.94 -0.03
N ASN C 179 -5.17 34.71 -4.62
CA ASN C 179 -3.86 34.08 -4.47
C ASN C 179 -3.93 32.57 -4.29
N ASN C 180 -2.94 31.86 -4.84
CA ASN C 180 -2.76 30.43 -4.59
C ASN C 180 -4.04 29.66 -4.88
N LYS C 181 -4.60 29.94 -6.05
CA LYS C 181 -5.67 29.13 -6.61
C LYS C 181 -5.10 27.76 -6.98
N TYR C 182 -5.97 26.76 -7.07
CA TYR C 182 -5.50 25.42 -7.39
C TYR C 182 -6.50 24.63 -8.23
N TRP C 183 -5.93 23.73 -9.02
CA TRP C 183 -6.63 22.63 -9.67
C TRP C 183 -6.64 21.42 -8.74
N LEU C 184 -7.81 20.80 -8.59
CA LEU C 184 -7.95 19.54 -7.86
C LEU C 184 -7.78 18.35 -8.80
N VAL C 185 -6.72 17.56 -8.60
CA VAL C 185 -6.30 16.58 -9.59
C VAL C 185 -6.27 15.19 -8.98
N LYS C 186 -6.93 14.24 -9.66
CA LYS C 186 -6.82 12.82 -9.33
C LYS C 186 -5.67 12.18 -10.09
N ASN C 187 -4.77 11.55 -9.35
CA ASN C 187 -3.65 10.79 -9.90
C ASN C 187 -4.02 9.32 -9.89
N SER C 188 -3.15 8.50 -10.52
CA SER C 188 -3.33 7.06 -10.58
C SER C 188 -2.11 6.33 -10.04
N TRP C 189 -1.54 6.85 -8.96
CA TRP C 189 -0.41 6.23 -8.29
C TRP C 189 -0.82 5.58 -6.97
N GLY C 190 -2.11 5.29 -6.82
CA GLY C 190 -2.60 4.73 -5.58
C GLY C 190 -2.89 5.79 -4.53
N GLU C 191 -3.38 5.30 -3.40
CA GLU C 191 -3.87 6.12 -2.31
C GLU C 191 -2.77 6.62 -1.37
N GLU C 192 -1.64 5.97 -1.33
CA GLU C 192 -0.53 6.41 -0.46
C GLU C 192 0.07 7.70 -1.02
N TRP C 193 0.17 7.85 -2.31
CA TRP C 193 0.75 9.04 -2.90
C TRP C 193 -0.13 10.25 -2.62
N GLY C 194 0.53 11.37 -2.33
CA GLY C 194 -0.17 12.64 -2.15
C GLY C 194 -1.22 12.62 -1.07
N MET C 195 -2.32 13.33 -1.32
CA MET C 195 -3.43 13.45 -0.37
C MET C 195 -4.51 12.45 -0.77
N GLY C 196 -4.40 11.24 -0.23
CA GLY C 196 -5.29 10.19 -0.61
C GLY C 196 -5.23 9.89 -2.10
N GLY C 197 -4.12 10.22 -2.76
CA GLY C 197 -4.00 10.04 -4.20
C GLY C 197 -4.37 11.25 -5.03
N TYR C 198 -4.72 12.37 -4.39
CA TYR C 198 -5.03 13.62 -5.07
C TYR C 198 -3.91 14.62 -4.86
N VAL C 199 -3.90 15.66 -5.69
CA VAL C 199 -2.90 16.72 -5.58
C VAL C 199 -3.56 18.03 -5.96
N LYS C 200 -3.24 19.09 -5.21
CA LYS C 200 -3.65 20.45 -5.56
C LYS C 200 -2.55 21.10 -6.40
N MET C 201 -2.87 21.42 -7.65
N MET C 201 -2.86 21.42 -7.66
CA MET C 201 -1.92 21.99 -8.60
CA MET C 201 -1.87 21.98 -8.57
C MET C 201 -2.11 23.49 -8.74
C MET C 201 -2.10 23.47 -8.76
N ALA C 202 -0.99 24.21 -8.81
CA ALA C 202 -1.02 25.67 -8.94
C ALA C 202 -1.86 26.11 -10.13
N LYS C 203 -2.91 26.88 -9.85
CA LYS C 203 -3.85 27.36 -10.87
C LYS C 203 -3.62 28.84 -11.15
N ASP C 204 -3.52 29.19 -12.44
CA ASP C 204 -3.42 30.57 -12.94
C ASP C 204 -2.04 31.17 -12.77
N ARG C 205 -1.03 30.33 -12.65
CA ARG C 205 0.35 30.75 -12.54
C ARG C 205 1.11 30.35 -13.80
N ARG C 206 0.73 30.98 -14.92
CA ARG C 206 1.43 30.85 -16.20
C ARG C 206 1.38 29.40 -16.73
N ASN C 207 0.19 28.81 -16.68
CA ASN C 207 -0.09 27.45 -17.12
C ASN C 207 0.95 26.48 -16.55
N HIS C 208 0.90 26.31 -15.24
CA HIS C 208 1.98 25.63 -14.53
C HIS C 208 1.99 24.14 -14.83
N CYS C 209 3.18 23.65 -15.17
CA CYS C 209 3.38 22.24 -15.47
C CYS C 209 2.56 21.82 -16.70
N GLY C 210 2.06 22.79 -17.46
CA GLY C 210 1.39 22.48 -18.72
C GLY C 210 -0.03 21.96 -18.55
N ILE C 211 -0.66 22.28 -17.42
CA ILE C 211 -1.92 21.63 -17.12
C ILE C 211 -3.01 21.95 -18.15
N ALA C 212 -2.93 23.11 -18.79
CA ALA C 212 -3.92 23.47 -19.80
C ALA C 212 -3.45 23.25 -21.23
N SER C 213 -2.28 22.66 -21.42
CA SER C 213 -1.71 22.55 -22.76
C SER C 213 -2.28 21.37 -23.56
N ALA C 214 -3.03 20.46 -22.95
CA ALA C 214 -3.47 19.22 -23.60
C ALA C 214 -4.66 18.64 -22.85
N ALA C 215 -5.67 19.47 -22.62
CA ALA C 215 -6.88 19.09 -21.89
C ALA C 215 -7.99 18.69 -22.86
N SER C 216 -8.83 17.74 -22.43
CA SER C 216 -9.88 17.20 -23.30
C SER C 216 -10.85 16.32 -22.50
N TYR C 217 -11.97 15.99 -23.14
CA TYR C 217 -12.91 15.04 -22.56
C TYR C 217 -13.71 14.33 -23.64
N PRO C 218 -14.30 13.18 -23.32
CA PRO C 218 -15.06 12.42 -24.31
C PRO C 218 -16.45 12.97 -24.48
N THR C 219 -16.98 12.90 -25.71
CA THR C 219 -18.35 13.29 -25.97
C THR C 219 -19.24 12.07 -25.73
N VAL C 220 -20.20 12.22 -24.84
CA VAL C 220 -21.05 11.10 -24.50
C VAL C 220 -22.47 11.52 -24.89
N ALA D 1 23.78 -4.24 22.81
CA ALA D 1 23.64 -2.81 22.38
C ALA D 1 22.59 -2.16 23.26
N PRO D 2 22.50 -0.84 23.25
CA PRO D 2 21.36 -0.18 23.90
C PRO D 2 20.05 -0.60 23.23
N ARG D 3 18.97 -0.30 23.88
CA ARG D 3 17.64 -0.63 23.35
C ARG D 3 17.31 0.26 22.15
N SER D 4 17.77 1.49 22.19
CA SER D 4 17.58 2.44 21.11
C SER D 4 18.78 3.36 21.03
N VAL D 5 19.03 3.88 19.84
CA VAL D 5 20.17 4.74 19.57
C VAL D 5 19.69 5.84 18.62
N ASP D 6 20.08 7.08 18.87
CA ASP D 6 19.79 8.15 17.89
C ASP D 6 20.99 9.09 17.88
N TRP D 7 21.91 8.83 16.94
CA TRP D 7 23.13 9.64 16.95
C TRP D 7 22.86 11.11 16.64
N ARG D 8 21.66 11.44 16.18
CA ARG D 8 21.35 12.85 15.96
C ARG D 8 21.38 13.62 17.27
N GLU D 9 20.99 12.98 18.36
CA GLU D 9 20.86 13.63 19.65
C GLU D 9 22.20 13.84 20.29
N LYS D 10 23.23 13.15 19.80
CA LYS D 10 24.60 13.32 20.26
C LYS D 10 25.42 14.23 19.37
N GLY D 11 24.83 14.79 18.33
CA GLY D 11 25.52 15.82 17.56
C GLY D 11 26.37 15.33 16.41
N TYR D 12 26.16 14.09 15.97
CA TYR D 12 27.03 13.43 14.99
C TYR D 12 26.57 13.62 13.56
N VAL D 13 25.41 14.24 13.35
CA VAL D 13 24.70 14.11 12.08
C VAL D 13 24.36 15.49 11.57
N THR D 14 24.71 15.77 10.31
CA THR D 14 24.34 17.03 9.69
C THR D 14 22.90 16.98 9.23
N PRO D 15 22.33 18.12 8.80
CA PRO D 15 20.99 18.12 8.23
C PRO D 15 20.89 17.28 6.97
N VAL D 16 19.65 16.93 6.64
CA VAL D 16 19.38 16.18 5.42
C VAL D 16 19.77 17.00 4.20
N LYS D 17 20.43 16.34 3.25
CA LYS D 17 20.88 16.94 2.00
C LYS D 17 20.08 16.35 0.85
N ASN D 18 20.29 16.88 -0.35
CA ASN D 18 19.55 16.42 -1.52
C ASN D 18 20.49 16.20 -2.69
N GLN D 19 20.60 14.95 -3.13
CA GLN D 19 21.49 14.63 -4.24
C GLN D 19 20.93 15.08 -5.60
N GLY D 20 19.69 15.53 -5.67
CA GLY D 20 19.19 15.93 -6.97
C GLY D 20 19.04 14.74 -7.90
N GLN D 21 19.08 15.02 -9.19
CA GLN D 21 18.93 13.98 -10.21
C GLN D 21 20.30 13.47 -10.67
N CYS D 22 21.09 13.02 -9.70
CA CYS D 22 22.43 12.50 -9.91
C CYS D 22 22.54 11.24 -9.04
N GLY D 23 23.13 10.19 -9.59
CA GLY D 23 23.28 8.92 -8.87
C GLY D 23 24.45 8.92 -7.91
N SER D 24 24.45 9.90 -7.01
CA SER D 24 25.54 10.16 -6.09
C SER D 24 25.22 9.72 -4.66
N CYS D 25 24.20 8.86 -4.48
CA CYS D 25 23.79 8.47 -3.14
C CYS D 25 24.98 8.01 -2.31
N TRP D 26 25.88 7.27 -2.95
CA TRP D 26 27.03 6.68 -2.25
C TRP D 26 27.93 7.74 -1.64
N ALA D 27 27.99 8.92 -2.27
CA ALA D 27 28.79 10.03 -1.79
C ALA D 27 28.16 10.65 -0.55
N PHE D 28 26.83 10.75 -0.54
CA PHE D 28 26.10 11.27 0.62
C PHE D 28 26.18 10.29 1.78
N SER D 29 26.07 9.00 1.48
CA SER D 29 26.23 8.01 2.54
C SER D 29 27.64 8.10 3.12
N ALA D 30 28.65 8.21 2.25
CA ALA D 30 30.04 8.27 2.71
C ALA D 30 30.33 9.54 3.50
N THR D 31 29.90 10.72 3.01
CA THR D 31 30.14 11.94 3.78
C THR D 31 29.46 11.85 5.14
N GLY D 32 28.25 11.29 5.19
CA GLY D 32 27.54 11.20 6.46
C GLY D 32 28.27 10.34 7.49
N ALA D 33 28.78 9.19 7.06
CA ALA D 33 29.56 8.35 7.96
C ALA D 33 30.86 9.05 8.38
N LEU D 34 31.49 9.77 7.45
CA LEU D 34 32.75 10.43 7.78
C LEU D 34 32.51 11.66 8.64
N GLU D 35 31.36 12.32 8.46
CA GLU D 35 30.98 13.41 9.37
C GLU D 35 30.86 12.89 10.80
N GLY D 36 30.25 11.72 10.98
CA GLY D 36 30.07 11.16 12.31
C GLY D 36 31.39 10.81 12.97
N GLN D 37 32.26 10.14 12.22
CA GLN D 37 33.55 9.74 12.76
C GLN D 37 34.44 10.93 13.04
N MET D 38 34.41 11.96 12.19
CA MET D 38 35.23 13.13 12.48
C MET D 38 34.73 13.84 13.71
N PHE D 39 33.40 13.88 13.89
CA PHE D 39 32.86 14.44 15.11
C PHE D 39 33.27 13.62 16.31
N ARG D 40 33.24 12.28 16.19
CA ARG D 40 33.63 11.43 17.31
C ARG D 40 35.06 11.72 17.69
N LYS D 41 35.85 12.08 16.70
CA LYS D 41 37.27 12.30 16.90
C LYS D 41 37.63 13.69 17.40
N THR D 42 36.98 14.73 16.90
CA THR D 42 37.37 16.10 17.22
C THR D 42 36.36 16.86 18.03
N GLY D 43 35.11 16.40 18.11
CA GLY D 43 34.07 17.20 18.72
C GLY D 43 33.47 18.29 17.86
N ARG D 44 33.90 18.43 16.60
CA ARG D 44 33.30 19.39 15.66
C ARG D 44 32.52 18.65 14.59
N LEU D 45 31.33 19.12 14.31
CA LEU D 45 30.52 18.62 13.20
C LEU D 45 30.68 19.57 12.03
N ILE D 46 31.26 19.10 10.94
CA ILE D 46 31.51 19.91 9.75
C ILE D 46 30.99 19.15 8.54
N SER D 47 30.08 19.75 7.79
CA SER D 47 29.53 19.12 6.60
C SER D 47 30.59 18.99 5.52
N LEU D 48 30.65 17.81 4.89
CA LEU D 48 31.67 17.43 3.94
C LEU D 48 31.13 17.41 2.51
N SER D 49 32.06 17.50 1.55
CA SER D 49 31.73 17.81 0.16
C SER D 49 31.42 16.52 -0.59
N GLU D 50 30.16 16.32 -0.96
CA GLU D 50 29.86 15.19 -1.83
C GLU D 50 30.46 15.41 -3.21
N GLN D 51 30.46 16.66 -3.68
CA GLN D 51 30.99 16.98 -5.00
C GLN D 51 32.45 16.58 -5.11
N ASN D 52 33.21 16.83 -4.04
CA ASN D 52 34.60 16.37 -3.98
C ASN D 52 34.71 14.88 -4.30
N LEU D 53 33.82 14.06 -3.72
CA LEU D 53 33.85 12.63 -4.03
C LEU D 53 33.37 12.35 -5.44
N VAL D 54 32.31 13.03 -5.91
CA VAL D 54 31.79 12.75 -7.26
C VAL D 54 32.86 13.04 -8.31
N ASP D 55 33.61 14.14 -8.14
CA ASP D 55 34.54 14.58 -9.17
C ASP D 55 35.88 13.85 -9.12
N CYS D 56 36.28 13.32 -7.96
CA CYS D 56 37.66 13.00 -7.69
C CYS D 56 37.92 11.53 -7.33
N SER D 57 36.90 10.75 -6.94
CA SER D 57 37.17 9.39 -6.48
C SER D 57 36.98 8.33 -7.58
N GLY D 58 37.00 8.75 -8.85
CA GLY D 58 37.09 7.81 -9.95
C GLY D 58 38.20 6.79 -9.85
N PRO D 59 39.43 7.20 -9.51
CA PRO D 59 40.52 6.22 -9.50
C PRO D 59 40.28 5.06 -8.56
N GLN D 60 39.56 5.27 -7.47
CA GLN D 60 39.22 4.23 -6.52
C GLN D 60 38.04 3.39 -6.97
N GLY D 61 37.36 3.78 -8.03
CA GLY D 61 36.33 2.94 -8.64
C GLY D 61 34.98 3.58 -8.74
N ASN D 62 34.78 4.79 -8.26
CA ASN D 62 33.46 5.41 -8.30
C ASN D 62 33.22 6.03 -9.66
N GLU D 63 31.94 6.24 -9.96
CA GLU D 63 31.51 6.62 -11.29
C GLU D 63 30.57 7.81 -11.24
N GLY D 64 30.88 8.77 -10.36
CA GLY D 64 30.19 10.04 -10.39
C GLY D 64 28.70 9.88 -10.23
N CYS D 65 27.95 10.49 -11.13
CA CYS D 65 26.49 10.41 -11.09
C CYS D 65 25.97 9.06 -11.58
N ASN D 66 26.84 8.13 -12.01
CA ASN D 66 26.36 6.81 -12.40
C ASN D 66 26.67 5.73 -11.36
N GLY D 67 26.96 6.09 -10.13
CA GLY D 67 27.07 5.12 -9.06
C GLY D 67 28.47 5.07 -8.48
N GLY D 68 28.57 4.30 -7.40
CA GLY D 68 29.81 4.24 -6.63
C GLY D 68 29.58 3.41 -5.39
N LEU D 69 30.61 3.32 -4.56
CA LEU D 69 30.55 2.56 -3.32
C LEU D 69 31.12 3.43 -2.22
N MET D 70 30.55 3.34 -1.02
CA MET D 70 31.07 4.14 0.08
C MET D 70 32.50 3.73 0.42
N ASP D 71 32.81 2.43 0.32
CA ASP D 71 34.17 2.00 0.61
C ASP D 71 35.16 2.64 -0.35
N TYR D 72 34.82 2.72 -1.63
CA TYR D 72 35.71 3.40 -2.56
C TYR D 72 35.90 4.86 -2.14
N ALA D 73 34.84 5.50 -1.66
CA ALA D 73 34.97 6.88 -1.18
C ALA D 73 35.89 6.97 0.02
N PHE D 74 35.78 6.00 0.95
CA PHE D 74 36.66 6.02 2.11
C PHE D 74 38.09 5.79 1.69
N GLN D 75 38.30 4.93 0.68
CA GLN D 75 39.63 4.69 0.12
C GLN D 75 40.21 5.94 -0.52
N TYR D 76 39.38 6.71 -1.20
CA TYR D 76 39.83 7.94 -1.81
C TYR D 76 40.27 8.94 -0.73
N VAL D 77 39.45 9.14 0.30
CA VAL D 77 39.88 10.07 1.34
C VAL D 77 41.24 9.65 1.91
N GLN D 78 41.46 8.35 2.07
CA GLN D 78 42.72 7.85 2.61
C GLN D 78 43.88 8.09 1.63
N ASP D 79 43.69 7.66 0.38
CA ASP D 79 44.69 7.87 -0.67
C ASP D 79 44.98 9.35 -0.85
N ASN D 80 43.92 10.18 -0.81
CA ASN D 80 44.03 11.60 -1.10
C ASN D 80 44.61 12.39 0.05
N GLY D 81 44.56 11.85 1.28
CA GLY D 81 44.93 12.59 2.45
C GLY D 81 44.00 13.72 2.84
N GLY D 82 42.75 13.71 2.40
CA GLY D 82 41.88 14.81 2.77
C GLY D 82 40.56 14.76 2.04
N LEU D 83 39.66 15.62 2.51
CA LEU D 83 38.34 15.80 1.89
C LEU D 83 37.84 17.20 2.26
N ASP D 84 37.40 17.95 1.27
CA ASP D 84 37.05 19.34 1.50
C ASP D 84 35.67 19.46 2.14
N SER D 85 35.47 20.57 2.84
CA SER D 85 34.18 20.83 3.47
C SER D 85 33.13 21.14 2.41
N GLU D 86 31.86 20.93 2.80
CA GLU D 86 30.75 21.24 1.90
C GLU D 86 30.73 22.70 1.50
N GLU D 87 31.04 23.58 2.44
CA GLU D 87 30.96 25.01 2.16
C GLU D 87 32.03 25.43 1.15
N SER D 88 33.22 24.81 1.22
CA SER D 88 34.31 25.17 0.31
C SER D 88 34.16 24.54 -1.08
N TYR D 89 33.32 23.51 -1.23
CA TYR D 89 33.32 22.68 -2.44
C TYR D 89 31.88 22.22 -2.65
N PRO D 90 31.00 23.15 -3.00
CA PRO D 90 29.56 22.88 -2.87
C PRO D 90 29.09 21.89 -3.92
N TYR D 91 27.86 21.41 -3.72
CA TYR D 91 27.34 20.32 -4.54
C TYR D 91 26.58 20.88 -5.74
N GLU D 92 26.83 20.29 -6.91
CA GLU D 92 26.24 20.74 -8.16
C GLU D 92 25.33 19.70 -8.84
N ALA D 93 25.22 18.47 -8.29
CA ALA D 93 24.41 17.40 -8.87
C ALA D 93 24.77 17.06 -10.31
N THR D 94 26.04 17.25 -10.66
CA THR D 94 26.55 16.83 -11.96
C THR D 94 28.04 16.59 -11.83
N GLU D 95 28.58 15.69 -12.65
CA GLU D 95 29.99 15.35 -12.57
C GLU D 95 30.82 16.45 -13.22
N GLU D 96 31.92 16.82 -12.57
CA GLU D 96 32.85 17.79 -13.11
C GLU D 96 34.27 17.33 -12.74
N SER D 97 35.29 18.02 -13.25
CA SER D 97 36.67 17.62 -12.94
C SER D 97 36.99 17.84 -11.45
N CYS D 98 38.12 17.36 -11.00
N CYS D 98 38.10 17.31 -11.01
CA CYS D 98 38.45 17.40 -9.60
CA CYS D 98 38.49 17.45 -9.62
C CYS D 98 39.17 18.70 -9.23
C CYS D 98 39.07 18.82 -9.35
N LYS D 99 38.65 19.38 -8.22
CA LYS D 99 39.17 20.70 -7.75
C LYS D 99 39.55 20.59 -6.28
N TYR D 100 39.84 19.38 -5.78
CA TYR D 100 40.21 19.24 -4.40
C TYR D 100 41.33 20.19 -4.02
N ASN D 101 41.15 20.91 -2.92
CA ASN D 101 42.20 21.78 -2.38
C ASN D 101 42.55 21.39 -0.95
N PRO D 102 43.75 20.90 -0.66
CA PRO D 102 44.04 20.39 0.69
C PRO D 102 44.00 21.46 1.76
N LYS D 103 44.02 22.73 1.38
CA LYS D 103 43.93 23.80 2.39
C LYS D 103 42.54 23.87 3.00
N TYR D 104 41.51 23.46 2.25
CA TYR D 104 40.14 23.44 2.75
C TYR D 104 39.71 22.06 3.21
N SER D 105 40.64 21.11 3.36
CA SER D 105 40.27 19.78 3.84
C SER D 105 39.93 19.87 5.32
N VAL D 106 38.90 19.14 5.74
CA VAL D 106 38.54 19.12 7.14
C VAL D 106 38.39 17.71 7.67
N ALA D 107 38.81 16.71 6.88
CA ALA D 107 38.67 15.33 7.30
C ALA D 107 39.71 14.43 6.64
N ASN D 108 39.91 13.25 7.23
CA ASN D 108 40.81 12.25 6.68
C ASN D 108 40.39 10.91 7.26
N ASP D 109 40.82 9.82 6.65
CA ASP D 109 40.61 8.51 7.24
C ASP D 109 41.76 7.60 6.82
N ALA D 110 41.87 6.48 7.53
CA ALA D 110 42.99 5.56 7.43
C ALA D 110 42.55 4.22 6.90
N GLY D 111 41.39 4.17 6.25
CA GLY D 111 40.81 2.97 5.72
C GLY D 111 39.37 2.86 6.16
N PHE D 112 38.87 1.62 6.18
CA PHE D 112 37.47 1.40 6.49
C PHE D 112 37.33 -0.01 7.04
N VAL D 113 36.18 -0.25 7.65
CA VAL D 113 35.86 -1.53 8.24
C VAL D 113 34.54 -1.94 7.62
N ASP D 114 34.53 -3.11 6.99
CA ASP D 114 33.29 -3.74 6.53
C ASP D 114 32.69 -4.57 7.66
N ILE D 115 31.40 -4.35 7.91
CA ILE D 115 30.69 -5.03 9.00
C ILE D 115 30.17 -6.38 8.51
N PRO D 116 30.24 -7.44 9.32
CA PRO D 116 29.68 -8.74 8.89
C PRO D 116 28.21 -8.59 8.51
N LYS D 117 27.80 -9.44 7.57
CA LYS D 117 26.54 -9.27 6.85
C LYS D 117 25.41 -9.90 7.66
N GLN D 118 25.17 -9.31 8.84
CA GLN D 118 23.99 -9.65 9.59
C GLN D 118 23.66 -8.54 10.58
N GLU D 119 22.39 -8.52 10.99
CA GLU D 119 21.86 -7.34 11.65
C GLU D 119 22.30 -7.20 13.09
N LYS D 120 22.61 -8.30 13.76
CA LYS D 120 23.16 -8.16 15.09
C LYS D 120 24.50 -7.45 15.02
N ALA D 121 25.32 -7.79 14.02
CA ALA D 121 26.61 -7.11 13.88
C ALA D 121 26.41 -5.64 13.53
N LEU D 122 25.39 -5.35 12.70
CA LEU D 122 25.13 -3.97 12.31
C LEU D 122 24.65 -3.16 13.50
N MET D 123 23.84 -3.76 14.36
CA MET D 123 23.41 -3.04 15.55
C MET D 123 24.60 -2.74 16.45
N LYS D 124 25.51 -3.70 16.62
CA LYS D 124 26.67 -3.49 17.50
C LYS D 124 27.57 -2.38 16.97
N ALA D 125 27.75 -2.30 15.65
CA ALA D 125 28.54 -1.21 15.07
C ALA D 125 27.84 0.13 15.27
N VAL D 126 26.54 0.18 15.04
CA VAL D 126 25.82 1.44 15.19
C VAL D 126 25.93 1.91 16.62
N ALA D 127 25.80 0.98 17.56
CA ALA D 127 25.87 1.32 18.99
C ALA D 127 27.24 1.84 19.39
N THR D 128 28.32 1.27 18.83
CA THR D 128 29.65 1.49 19.37
C THR D 128 30.52 2.42 18.52
N VAL D 129 30.14 2.66 17.29
CA VAL D 129 30.95 3.44 16.36
C VAL D 129 30.32 4.81 16.08
N GLY D 130 29.04 4.80 15.71
CA GLY D 130 28.41 5.99 15.20
C GLY D 130 27.58 5.61 13.99
N PRO D 131 27.15 6.61 13.22
CA PRO D 131 26.41 6.32 11.99
C PRO D 131 27.18 5.43 11.04
N ILE D 132 26.45 4.51 10.39
CA ILE D 132 27.04 3.47 9.55
C ILE D 132 26.53 3.62 8.11
N SER D 133 27.44 3.54 7.14
CA SER D 133 27.07 3.56 5.73
C SER D 133 26.47 2.21 5.35
N VAL D 134 25.32 2.21 4.65
CA VAL D 134 24.67 0.96 4.27
C VAL D 134 24.10 1.13 2.87
N ALA D 135 23.92 0.01 2.19
CA ALA D 135 23.21 -0.04 0.91
C ALA D 135 21.90 -0.82 1.10
N ILE D 136 20.87 -0.38 0.39
CA ILE D 136 19.55 -0.98 0.52
C ILE D 136 18.91 -1.14 -0.85
N ASP D 137 17.90 -1.99 -0.90
CA ASP D 137 16.99 -2.03 -2.03
C ASP D 137 15.95 -0.92 -1.82
N ALA D 138 16.12 0.20 -2.50
CA ALA D 138 15.15 1.27 -2.49
C ALA D 138 14.30 1.27 -3.74
N GLY D 139 14.38 0.22 -4.55
CA GLY D 139 13.79 0.23 -5.89
C GLY D 139 12.32 -0.14 -5.96
N HIS D 140 11.51 0.52 -5.13
CA HIS D 140 10.07 0.33 -5.19
C HIS D 140 9.34 1.65 -4.96
N GLU D 141 8.15 1.74 -5.57
CA GLU D 141 7.28 2.89 -5.40
C GLU D 141 6.98 3.14 -3.92
N SER D 142 6.85 2.08 -3.11
CA SER D 142 6.54 2.31 -1.70
C SER D 142 7.63 3.13 -1.04
N PHE D 143 8.87 2.96 -1.48
CA PHE D 143 9.94 3.73 -0.84
C PHE D 143 9.84 5.19 -1.22
N LEU D 144 9.56 5.48 -2.49
CA LEU D 144 9.45 6.87 -2.90
C LEU D 144 8.37 7.60 -2.11
N PHE D 145 7.24 6.93 -1.90
CA PHE D 145 6.03 7.52 -1.33
C PHE D 145 5.96 7.38 0.19
N TYR D 146 6.96 6.74 0.80
CA TYR D 146 7.01 6.57 2.25
C TYR D 146 6.73 7.88 2.97
N LYS D 147 5.87 7.82 4.00
CA LYS D 147 5.57 8.99 4.83
C LYS D 147 5.95 8.81 6.30
N GLU D 148 5.68 7.64 6.89
CA GLU D 148 5.86 7.49 8.33
C GLU D 148 5.76 6.01 8.66
N GLY D 149 6.07 5.68 9.91
CA GLY D 149 6.10 4.31 10.40
C GLY D 149 7.30 3.51 9.91
N ILE D 150 7.23 2.21 10.12
CA ILE D 150 8.34 1.30 9.84
C ILE D 150 8.14 0.72 8.45
N TYR D 151 9.09 1.03 7.57
CA TYR D 151 9.00 0.63 6.17
C TYR D 151 9.23 -0.87 6.04
N PHE D 152 8.28 -1.59 5.46
CA PHE D 152 8.41 -3.02 5.22
C PHE D 152 7.82 -3.25 3.84
N GLU D 153 8.64 -3.75 2.90
CA GLU D 153 8.18 -3.97 1.52
C GLU D 153 8.29 -5.45 1.13
N PRO D 154 7.16 -6.12 0.83
CA PRO D 154 7.24 -7.55 0.53
C PRO D 154 8.24 -7.93 -0.55
N ASP D 155 8.41 -7.11 -1.57
CA ASP D 155 9.31 -7.46 -2.66
C ASP D 155 10.74 -7.02 -2.43
N CYS D 156 11.08 -6.58 -1.22
CA CYS D 156 12.46 -6.13 -1.00
C CYS D 156 13.47 -7.26 -1.09
N SER D 157 14.61 -6.98 -1.73
CA SER D 157 15.70 -7.95 -1.86
C SER D 157 16.82 -7.65 -0.86
N SER D 158 17.36 -8.72 -0.26
N SER D 158 17.35 -8.71 -0.25
CA SER D 158 18.50 -8.63 0.62
CA SER D 158 18.52 -8.58 0.62
C SER D 158 19.82 -8.78 -0.14
C SER D 158 19.82 -8.78 -0.14
N GLU D 159 19.75 -9.03 -1.45
CA GLU D 159 20.91 -9.18 -2.31
C GLU D 159 21.13 -8.04 -3.30
N ASP D 160 20.07 -7.51 -3.91
CA ASP D 160 20.22 -6.57 -5.02
C ASP D 160 19.88 -5.17 -4.50
N MET D 161 20.86 -4.53 -3.89
CA MET D 161 20.72 -3.18 -3.39
C MET D 161 21.02 -2.18 -4.50
N ASP D 162 20.38 -1.00 -4.43
CA ASP D 162 20.55 0.01 -5.46
C ASP D 162 20.67 1.41 -4.89
N HIS D 163 20.88 1.56 -3.60
CA HIS D 163 20.82 2.89 -3.03
C HIS D 163 21.61 2.92 -1.74
N GLY D 164 22.46 3.93 -1.59
CA GLY D 164 23.29 4.05 -0.41
C GLY D 164 22.73 5.12 0.51
N VAL D 165 22.60 4.75 1.79
CA VAL D 165 22.04 5.61 2.83
C VAL D 165 22.85 5.48 4.13
N LEU D 166 22.34 6.03 5.23
CA LEU D 166 23.13 6.15 6.45
C LEU D 166 22.27 5.74 7.63
N VAL D 167 22.70 4.74 8.37
CA VAL D 167 22.04 4.34 9.60
C VAL D 167 22.57 5.22 10.72
N VAL D 168 21.68 5.98 11.33
CA VAL D 168 22.04 6.89 12.43
C VAL D 168 21.50 6.42 13.77
N GLY D 169 20.75 5.32 13.80
CA GLY D 169 20.23 4.76 15.02
C GLY D 169 19.31 3.59 14.75
N TYR D 170 18.55 3.23 15.76
CA TYR D 170 17.60 2.13 15.73
C TYR D 170 16.75 2.24 16.98
N GLY D 171 15.64 1.51 16.99
CA GLY D 171 14.74 1.58 18.14
C GLY D 171 13.53 0.72 17.86
N PHE D 172 12.44 1.03 18.56
CA PHE D 172 11.22 0.26 18.41
C PHE D 172 10.02 1.18 18.63
N GLU D 173 8.92 0.81 17.99
CA GLU D 173 7.61 1.42 18.19
C GLU D 173 6.72 0.47 19.00
N SER D 174 5.64 1.04 19.54
CA SER D 174 4.72 0.30 20.40
C SER D 174 5.42 -0.30 21.63
N THR D 175 4.77 -1.28 22.27
CA THR D 175 5.36 -2.00 23.39
C THR D 175 6.53 -2.86 22.95
N GLU D 176 7.61 -2.85 23.74
CA GLU D 176 8.81 -3.57 23.34
C GLU D 176 8.50 -5.02 23.00
N SER D 177 7.56 -5.64 23.71
CA SER D 177 7.32 -7.07 23.47
C SER D 177 6.78 -7.32 22.08
N ASP D 178 6.18 -6.30 21.44
CA ASP D 178 5.74 -6.45 20.06
C ASP D 178 6.89 -6.71 19.09
N ASN D 179 8.14 -6.40 19.47
CA ASN D 179 9.29 -6.53 18.55
C ASN D 179 9.08 -5.74 17.26
N ASN D 180 8.45 -4.58 17.41
CA ASN D 180 8.22 -3.64 16.33
C ASN D 180 9.44 -2.74 16.14
N LYS D 181 10.49 -3.32 15.57
CA LYS D 181 11.80 -2.70 15.58
C LYS D 181 12.17 -2.08 14.24
N TYR D 182 13.05 -1.07 14.32
CA TYR D 182 13.45 -0.40 13.10
C TYR D 182 14.88 0.12 13.17
N TRP D 183 15.47 0.25 11.98
CA TRP D 183 16.64 1.09 11.74
C TRP D 183 16.22 2.52 11.42
N LEU D 184 16.88 3.49 12.04
CA LEU D 184 16.66 4.91 11.72
C LEU D 184 17.65 5.34 10.64
N VAL D 185 17.12 5.71 9.48
CA VAL D 185 17.93 5.85 8.27
C VAL D 185 17.81 7.28 7.74
N LYS D 186 18.95 7.92 7.53
CA LYS D 186 19.02 9.22 6.88
C LYS D 186 19.20 9.03 5.37
N ASN D 187 18.31 9.64 4.59
CA ASN D 187 18.36 9.62 3.13
C ASN D 187 18.94 10.94 2.63
N SER D 188 19.10 11.03 1.31
CA SER D 188 19.70 12.18 0.64
C SER D 188 18.82 12.66 -0.52
N TRP D 189 17.52 12.68 -0.26
CA TRP D 189 16.51 13.14 -1.20
C TRP D 189 15.78 14.37 -0.71
N GLY D 190 16.39 15.13 0.21
CA GLY D 190 15.75 16.32 0.71
C GLY D 190 14.83 16.01 1.88
N GLU D 191 14.43 17.07 2.60
CA GLU D 191 13.62 16.85 3.79
C GLU D 191 12.15 16.68 3.46
N GLU D 192 11.75 16.95 2.21
CA GLU D 192 10.37 16.76 1.79
C GLU D 192 10.05 15.30 1.56
N TRP D 193 11.09 14.47 1.38
CA TRP D 193 10.92 13.01 1.30
C TRP D 193 10.77 12.42 2.70
N GLY D 194 9.87 11.44 2.82
CA GLY D 194 9.79 10.67 4.04
C GLY D 194 9.42 11.52 5.24
N MET D 195 10.04 11.23 6.37
N MET D 195 9.99 11.18 6.38
CA MET D 195 9.78 11.95 7.61
CA MET D 195 9.79 11.92 7.64
C MET D 195 10.95 12.90 7.84
C MET D 195 10.97 12.88 7.79
N GLY D 196 10.84 14.08 7.25
CA GLY D 196 11.93 15.04 7.33
C GLY D 196 13.17 14.55 6.62
N GLY D 197 13.04 13.62 5.68
CA GLY D 197 14.18 13.08 4.98
C GLY D 197 14.69 11.77 5.53
N TYR D 198 14.07 11.27 6.59
CA TYR D 198 14.42 10.04 7.28
C TYR D 198 13.38 8.97 7.00
N VAL D 199 13.79 7.72 7.22
CA VAL D 199 12.91 6.56 7.14
C VAL D 199 13.28 5.59 8.26
N LYS D 200 12.27 4.99 8.86
CA LYS D 200 12.45 3.87 9.76
C LYS D 200 12.33 2.59 8.92
N MET D 201 13.36 1.78 8.92
N MET D 201 13.40 1.80 8.89
CA MET D 201 13.37 0.59 8.08
CA MET D 201 13.44 0.58 8.09
C MET D 201 13.32 -0.68 8.92
C MET D 201 13.25 -0.64 8.98
N ALA D 202 12.50 -1.64 8.47
CA ALA D 202 12.35 -2.92 9.14
C ALA D 202 13.67 -3.51 9.66
N LYS D 203 13.64 -3.88 10.94
CA LYS D 203 14.81 -4.38 11.66
C LYS D 203 14.53 -5.76 12.19
N ASP D 204 15.54 -6.63 12.05
CA ASP D 204 15.55 -8.00 12.55
C ASP D 204 14.46 -8.84 11.88
N ARG D 205 14.31 -8.62 10.57
CA ARG D 205 13.50 -9.48 9.71
C ARG D 205 14.38 -10.08 8.61
N ARG D 206 15.47 -10.74 9.03
CA ARG D 206 16.45 -11.40 8.15
C ARG D 206 16.93 -10.46 7.04
N ASN D 207 17.44 -9.32 7.47
CA ASN D 207 18.16 -8.39 6.62
C ASN D 207 17.26 -7.83 5.52
N HIS D 208 16.13 -7.28 5.97
CA HIS D 208 15.17 -6.70 5.06
C HIS D 208 15.78 -5.60 4.21
N CYS D 209 15.53 -5.66 2.90
CA CYS D 209 16.07 -4.77 1.88
C CYS D 209 17.61 -4.73 1.86
N GLY D 210 18.26 -5.66 2.55
CA GLY D 210 19.70 -5.80 2.42
C GLY D 210 20.49 -4.84 3.28
N ILE D 211 19.84 -4.21 4.26
CA ILE D 211 20.48 -3.10 4.99
C ILE D 211 21.80 -3.53 5.62
N ALA D 212 21.98 -4.82 5.90
CA ALA D 212 23.21 -5.29 6.52
C ALA D 212 24.14 -6.00 5.54
N SER D 213 23.84 -5.94 4.23
CA SER D 213 24.64 -6.71 3.29
C SER D 213 25.91 -5.99 2.85
N ALA D 214 25.94 -4.67 2.95
CA ALA D 214 27.14 -3.94 2.57
C ALA D 214 27.29 -2.72 3.49
N ALA D 215 27.49 -2.99 4.77
CA ALA D 215 27.56 -1.92 5.75
C ALA D 215 29.02 -1.70 6.12
N SER D 216 29.42 -0.44 6.27
CA SER D 216 30.81 -0.13 6.60
C SER D 216 30.93 1.26 7.20
N TYR D 217 32.16 1.61 7.60
CA TYR D 217 32.41 2.94 8.14
C TYR D 217 33.90 3.22 8.02
N PRO D 218 34.29 4.49 8.02
CA PRO D 218 35.71 4.82 7.85
C PRO D 218 36.45 4.81 9.16
N THR D 219 37.72 4.40 9.10
N THR D 219 37.72 4.41 9.09
CA THR D 219 38.57 4.41 10.27
CA THR D 219 38.60 4.41 10.25
C THR D 219 39.30 5.75 10.31
C THR D 219 39.30 5.76 10.30
N VAL D 220 39.06 6.53 11.36
CA VAL D 220 39.69 7.84 11.48
C VAL D 220 40.64 7.82 12.68
#